data_6YV8
#
_entry.id   6YV8
#
_cell.length_a   50.998
_cell.length_b   107.644
_cell.length_c   164.418
_cell.angle_alpha   90.00
_cell.angle_beta   90.00
_cell.angle_gamma   90.00
#
_symmetry.space_group_name_H-M   'P 21 21 21'
#
loop_
_entity.id
_entity.type
_entity.pdbx_description
1 polymer 'Glycosyl transferase, family 2'
2 polymer 'Glycosyl transferase, family 2'
3 non-polymer "GUANOSINE-5'-DIPHOSPHATE"
4 non-polymer 'MANGANESE (II) ION'
#
loop_
_entity_poly.entity_id
_entity_poly.type
_entity_poly.pdbx_seq_one_letter_code
_entity_poly.pdbx_strand_id
1 'polypeptide(L)'
;MLLEAIAIALTAAHFGAPLLYYWRAKRWLKKPWDVAPDPTYRPRVTVIVPTYNEAPLIEEKLDNIYEQDYPRDKLEVVVV
DSASTDGTPSAVRRWAETHPDLALTLVEETERRGKAHALNTALRHATGEIVVITDADALWPARDTLANAVKWLADPTVGA
VSCVKRPAGPAGVEDSYRDFYNVLRVAESKAWATPIFHGELAAFKRELLERLGGFPTDVGADDSHTATKIAMMGYRAITP
PDVVCVEAVPKRGYHAWRIRRAQHLVQHFAKAIRDGKAPPPFKPILHAEAYLHLANPWALPTAAAALAAAAAAGSLPAAA
LLATGAALALYKPYRTWTTMQAYLIAAAVKNLWDKE
;
A
2 'polypeptide(L)'
;LLEAIAIALTAAHFGAPLLYYWRAKRWLKKPWDVAPDPTYRPRVTVIVPTYNEAPLIEEKLDNIYEQDYPRDKLEVVVVD
SASTDGTPSAVRRWAETHPDLALTLVEETERRGKAHALNTALRHATGEIVVITDADALWPARDTLANAVKWLADPTVGAV
SCVKRPAGPAGVEDSYRDFYNVLRVAESKAWATPIFHGELAAFKRELLERLGGFPTDVGADDSHTATKIAMMGYRAITPP
DVVCVEAVPKRGYHAWRIRRAQHLVQHFAKAIRDGKAPPPFKPILHAEAYLHLANPWALPTAAAALAAAAAAGSLPAAAL
LATGAALALYKPYRTWTTMQAYLIAAAVKNLWDKE
;
B
#
loop_
_chem_comp.id
_chem_comp.type
_chem_comp.name
_chem_comp.formula
GDP RNA linking GUANOSINE-5'-DIPHOSPHATE 'C10 H15 N5 O11 P2'
MN non-polymer 'MANGANESE (II) ION' 'Mn 2'
#
# COMPACT_ATOMS: atom_id res chain seq x y z
N MET A 1 1.69 18.45 -23.75
CA MET A 1 1.46 17.08 -24.20
C MET A 1 2.63 16.20 -23.75
N LEU A 2 3.49 16.76 -22.90
CA LEU A 2 4.67 16.01 -22.53
C LEU A 2 4.34 14.85 -21.58
N LEU A 3 3.15 14.84 -20.98
CA LEU A 3 2.78 13.69 -20.16
C LEU A 3 2.35 12.52 -21.03
N GLU A 4 1.88 12.78 -22.24
CA GLU A 4 1.76 11.68 -23.18
C GLU A 4 3.13 11.14 -23.54
N ALA A 5 4.13 12.02 -23.70
CA ALA A 5 5.49 11.55 -23.99
C ALA A 5 6.01 10.68 -22.86
N ILE A 6 5.89 11.16 -21.62
CA ILE A 6 6.42 10.39 -20.51
C ILE A 6 5.62 9.13 -20.31
N ALA A 7 4.31 9.17 -20.59
CA ALA A 7 3.47 7.98 -20.47
C ALA A 7 3.84 6.91 -21.48
N ILE A 8 4.01 7.29 -22.75
CA ILE A 8 4.32 6.21 -23.69
C ILE A 8 5.79 5.81 -23.61
N ALA A 9 6.67 6.68 -23.13
CA ALA A 9 8.03 6.29 -22.79
C ALA A 9 8.04 5.25 -21.66
N LEU A 10 7.34 5.56 -20.57
CA LEU A 10 7.31 4.63 -19.44
C LEU A 10 6.62 3.32 -19.82
N THR A 11 5.57 3.38 -20.64
CA THR A 11 4.92 2.15 -21.07
C THR A 11 5.85 1.31 -21.94
N ALA A 12 6.56 1.94 -22.88
CA ALA A 12 7.52 1.21 -23.69
C ALA A 12 8.60 0.58 -22.83
N ALA A 13 9.13 1.31 -21.86
CA ALA A 13 10.14 0.73 -20.98
C ALA A 13 9.58 -0.45 -20.18
N HIS A 14 8.42 -0.26 -19.56
CA HIS A 14 7.83 -1.26 -18.68
C HIS A 14 7.51 -2.56 -19.43
N PHE A 15 6.93 -2.45 -20.63
CA PHE A 15 6.62 -3.66 -21.36
C PHE A 15 7.77 -4.15 -22.21
N GLY A 16 8.79 -3.32 -22.45
CA GLY A 16 9.93 -3.73 -23.25
C GLY A 16 10.89 -4.60 -22.47
N ALA A 17 11.13 -4.24 -21.21
CA ALA A 17 12.08 -4.98 -20.39
C ALA A 17 11.75 -6.48 -20.29
N PRO A 18 10.55 -6.90 -19.86
CA PRO A 18 10.33 -8.35 -19.70
C PRO A 18 10.39 -9.10 -21.00
N LEU A 19 10.10 -8.47 -22.11
CA LEU A 19 10.10 -9.22 -23.36
C LEU A 19 11.52 -9.39 -23.91
N LEU A 20 12.42 -8.43 -23.66
CA LEU A 20 13.82 -8.65 -24.00
C LEU A 20 14.44 -9.69 -23.10
N TYR A 21 14.10 -9.64 -21.81
CA TYR A 21 14.58 -10.68 -20.91
C TYR A 21 14.02 -12.05 -21.29
N TYR A 22 12.77 -12.11 -21.76
CA TYR A 22 12.20 -13.38 -22.17
C TYR A 22 12.93 -13.94 -23.39
N TRP A 23 13.31 -13.06 -24.33
CA TRP A 23 14.05 -13.54 -25.49
C TRP A 23 15.43 -14.07 -25.11
N ARG A 24 16.11 -13.42 -24.16
CA ARG A 24 17.40 -13.99 -23.73
C ARG A 24 17.21 -15.29 -22.94
N ALA A 25 16.06 -15.42 -22.27
CA ALA A 25 15.78 -16.68 -21.60
C ALA A 25 15.60 -17.79 -22.63
N LYS A 26 14.97 -17.48 -23.76
CA LYS A 26 14.74 -18.53 -24.74
C LYS A 26 16.00 -18.90 -25.52
N ARG A 27 17.02 -18.04 -25.57
CA ARG A 27 18.29 -18.61 -26.08
C ARG A 27 19.01 -19.47 -25.02
N TRP A 28 18.91 -19.13 -23.73
CA TRP A 28 19.49 -20.06 -22.76
C TRP A 28 18.76 -21.40 -22.79
N LEU A 29 17.45 -21.36 -23.14
CA LEU A 29 16.59 -22.53 -23.01
C LEU A 29 16.97 -23.60 -24.00
N LYS A 30 17.55 -23.19 -25.12
CA LYS A 30 17.88 -24.13 -26.16
C LYS A 30 19.32 -24.57 -26.04
N LYS A 31 20.01 -24.16 -24.96
CA LYS A 31 21.31 -24.76 -24.72
C LYS A 31 21.12 -25.90 -23.72
N PRO A 32 21.78 -27.04 -23.91
CA PRO A 32 21.50 -28.19 -23.04
C PRO A 32 22.13 -28.05 -21.66
N TRP A 33 21.52 -28.77 -20.72
CA TRP A 33 21.98 -28.81 -19.35
C TRP A 33 23.46 -29.16 -19.27
N ASP A 34 24.21 -28.43 -18.45
CA ASP A 34 25.59 -28.79 -18.20
C ASP A 34 25.72 -29.64 -16.95
N VAL A 35 24.61 -30.18 -16.46
CA VAL A 35 24.57 -31.15 -15.37
C VAL A 35 23.54 -32.20 -15.75
N ALA A 36 23.68 -33.38 -15.16
CA ALA A 36 22.85 -34.52 -15.54
C ALA A 36 22.19 -35.16 -14.33
N PRO A 37 20.93 -35.58 -14.45
CA PRO A 37 20.32 -36.40 -13.39
C PRO A 37 20.94 -37.80 -13.40
N ASP A 38 21.11 -38.36 -12.21
CA ASP A 38 21.67 -39.71 -12.01
C ASP A 38 20.63 -40.61 -11.36
N PRO A 39 20.05 -41.57 -12.08
CA PRO A 39 18.98 -42.39 -11.49
C PRO A 39 19.43 -43.42 -10.44
N THR A 40 20.72 -43.65 -10.22
CA THR A 40 21.12 -44.57 -9.16
C THR A 40 21.62 -43.86 -7.90
N TYR A 41 21.54 -42.54 -7.88
CA TYR A 41 21.97 -41.77 -6.74
C TYR A 41 20.92 -41.97 -5.66
N ARG A 42 21.36 -42.47 -4.50
CA ARG A 42 20.46 -42.78 -3.40
C ARG A 42 20.91 -42.35 -2.01
N PRO A 43 20.94 -41.05 -1.77
CA PRO A 43 21.32 -40.46 -0.48
C PRO A 43 20.19 -40.53 0.50
N ARG A 44 20.51 -40.27 1.75
CA ARG A 44 19.51 -40.26 2.79
C ARG A 44 18.75 -38.93 2.73
N VAL A 45 17.44 -39.01 2.82
CA VAL A 45 16.57 -37.89 2.53
C VAL A 45 15.72 -37.66 3.76
N THR A 46 15.69 -36.40 4.22
CA THR A 46 14.76 -35.93 5.24
C THR A 46 13.77 -35.02 4.56
N VAL A 47 12.48 -35.37 4.64
CA VAL A 47 11.40 -34.48 4.22
C VAL A 47 10.86 -33.78 5.47
N ILE A 48 10.80 -32.46 5.44
CA ILE A 48 10.35 -31.65 6.55
C ILE A 48 9.05 -30.98 6.15
N VAL A 49 8.00 -31.25 6.92
CA VAL A 49 6.78 -30.50 6.70
C VAL A 49 6.54 -29.66 7.95
N PRO A 50 6.67 -28.34 7.84
CA PRO A 50 6.32 -27.47 8.96
C PRO A 50 4.83 -27.28 8.94
N THR A 51 4.20 -27.33 10.11
CA THR A 51 2.76 -27.22 10.15
C THR A 51 2.35 -26.36 11.33
N TYR A 52 1.37 -25.47 11.09
CA TYR A 52 0.69 -24.74 12.14
C TYR A 52 -0.80 -24.82 11.88
N ASN A 53 -1.51 -25.54 12.75
CA ASN A 53 -2.95 -25.71 12.68
C ASN A 53 -3.35 -26.12 11.26
N GLU A 54 -2.90 -27.33 10.88
CA GLU A 54 -3.25 -27.93 9.60
C GLU A 54 -3.72 -29.37 9.79
N ALA A 55 -4.45 -29.61 10.87
CA ALA A 55 -4.91 -30.97 11.18
C ALA A 55 -5.73 -31.60 10.06
N PRO A 56 -6.63 -30.86 9.35
CA PRO A 56 -7.29 -31.48 8.18
C PRO A 56 -6.32 -32.10 7.20
N LEU A 57 -5.39 -31.29 6.66
CA LEU A 57 -4.62 -31.73 5.51
C LEU A 57 -3.43 -32.62 5.87
N ILE A 58 -2.94 -32.60 7.11
CA ILE A 58 -1.65 -33.24 7.36
C ILE A 58 -1.78 -34.77 7.36
N GLU A 59 -2.96 -35.32 7.61
CA GLU A 59 -3.11 -36.76 7.49
C GLU A 59 -2.89 -37.19 6.04
N GLU A 60 -3.44 -36.42 5.10
CA GLU A 60 -3.40 -36.77 3.69
C GLU A 60 -2.08 -36.36 3.07
N LYS A 61 -1.46 -35.31 3.62
CA LYS A 61 -0.11 -34.93 3.27
C LYS A 61 0.89 -36.02 3.62
N LEU A 62 0.77 -36.55 4.83
CA LEU A 62 1.60 -37.68 5.24
C LEU A 62 1.32 -38.89 4.37
N ASP A 63 0.05 -39.10 4.00
CA ASP A 63 -0.25 -40.20 3.11
C ASP A 63 0.41 -40.00 1.74
N ASN A 64 0.47 -38.76 1.29
CA ASN A 64 1.09 -38.41 0.02
C ASN A 64 2.59 -38.62 0.04
N ILE A 65 3.25 -38.28 1.14
CA ILE A 65 4.68 -38.55 1.25
C ILE A 65 4.91 -40.06 1.35
N TYR A 66 4.03 -40.73 2.09
CA TYR A 66 4.12 -42.17 2.29
C TYR A 66 4.14 -42.93 0.98
N GLU A 67 3.41 -42.43 -0.02
CA GLU A 67 3.23 -43.14 -1.29
C GLU A 67 4.35 -42.89 -2.30
N GLN A 68 5.45 -42.23 -1.93
CA GLN A 68 6.55 -42.06 -2.88
C GLN A 68 7.28 -43.39 -3.04
N ASP A 69 7.61 -43.73 -4.30
CA ASP A 69 8.36 -44.94 -4.54
C ASP A 69 9.75 -44.93 -3.92
N TYR A 70 10.23 -43.78 -3.47
CA TYR A 70 11.59 -43.69 -2.96
C TYR A 70 11.83 -44.73 -1.86
N PRO A 71 12.97 -45.42 -1.86
CA PRO A 71 13.19 -46.52 -0.89
C PRO A 71 13.16 -46.06 0.56
N ARG A 72 12.35 -46.76 1.38
CA ARG A 72 11.99 -46.22 2.70
C ARG A 72 13.11 -46.28 3.73
N ASP A 73 14.15 -47.10 3.53
CA ASP A 73 15.24 -47.06 4.50
C ASP A 73 16.13 -45.84 4.33
N LYS A 74 15.97 -45.08 3.25
CA LYS A 74 16.72 -43.85 3.04
C LYS A 74 15.86 -42.62 3.16
N LEU A 75 14.64 -42.76 3.70
CA LEU A 75 13.65 -41.67 3.79
C LEU A 75 13.18 -41.52 5.22
N GLU A 76 13.13 -40.29 5.70
CA GLU A 76 12.56 -39.98 7.00
C GLU A 76 11.81 -38.66 6.93
N VAL A 77 10.89 -38.48 7.86
CA VAL A 77 9.97 -37.35 7.88
C VAL A 77 10.06 -36.66 9.24
N VAL A 78 10.16 -35.33 9.21
CA VAL A 78 10.10 -34.51 10.40
C VAL A 78 8.95 -33.54 10.20
N VAL A 79 7.88 -33.72 10.97
CA VAL A 79 6.77 -32.79 10.99
C VAL A 79 7.05 -31.84 12.14
N VAL A 80 7.41 -30.60 11.83
CA VAL A 80 7.75 -29.67 12.89
C VAL A 80 6.59 -28.71 13.12
N ASP A 81 6.02 -28.78 14.33
CA ASP A 81 4.85 -28.00 14.71
C ASP A 81 5.22 -27.22 15.96
N SER A 82 5.12 -25.90 15.89
CA SER A 82 5.47 -25.04 17.03
C SER A 82 4.20 -24.52 17.70
N ALA A 83 3.65 -25.37 18.58
CA ALA A 83 2.52 -25.03 19.46
C ALA A 83 1.25 -24.66 18.68
N SER A 84 0.64 -25.68 18.10
CA SER A 84 -0.60 -25.52 17.34
C SER A 84 -1.82 -25.70 18.25
N THR A 85 -2.83 -24.85 18.05
CA THR A 85 -4.02 -24.94 18.90
C THR A 85 -4.82 -26.20 18.60
N ASP A 86 -4.99 -26.51 17.32
CA ASP A 86 -5.66 -27.72 16.88
C ASP A 86 -4.88 -28.95 17.33
N GLY A 87 -5.52 -30.11 17.25
CA GLY A 87 -4.86 -31.34 17.60
C GLY A 87 -3.93 -31.91 16.55
N THR A 88 -3.12 -31.07 15.91
CA THR A 88 -2.19 -31.53 14.87
C THR A 88 -1.12 -32.48 15.42
N PRO A 89 -0.58 -32.26 16.63
CA PRO A 89 0.45 -33.22 17.13
C PRO A 89 -0.07 -34.63 17.32
N SER A 90 -1.28 -34.82 17.83
CA SER A 90 -1.69 -36.21 18.00
C SER A 90 -2.45 -36.71 16.79
N ALA A 91 -2.77 -35.83 15.84
CA ALA A 91 -3.08 -36.27 14.49
C ALA A 91 -1.85 -36.86 13.78
N VAL A 92 -0.71 -36.20 13.90
CA VAL A 92 0.48 -36.79 13.30
C VAL A 92 0.89 -38.06 14.08
N ARG A 93 0.72 -38.05 15.39
CA ARG A 93 1.05 -39.20 16.20
C ARG A 93 0.14 -40.36 15.86
N ARG A 94 -1.12 -40.08 15.62
CA ARG A 94 -2.03 -41.13 15.27
C ARG A 94 -1.64 -41.76 13.95
N TRP A 95 -1.34 -40.93 12.98
CA TRP A 95 -0.95 -41.43 11.67
C TRP A 95 0.36 -42.16 11.80
N ALA A 96 1.22 -41.59 12.61
CA ALA A 96 2.56 -42.12 12.78
C ALA A 96 2.51 -43.55 13.28
N GLU A 97 1.55 -43.85 14.12
CA GLU A 97 1.41 -45.24 14.45
C GLU A 97 0.52 -46.03 13.52
N THR A 98 -0.10 -45.39 12.54
CA THR A 98 -0.80 -46.25 11.61
C THR A 98 0.13 -46.68 10.48
N HIS A 99 1.12 -45.86 10.14
CA HIS A 99 2.14 -46.18 9.13
C HIS A 99 3.50 -46.31 9.79
N PRO A 100 3.89 -47.51 10.27
CA PRO A 100 5.11 -47.64 11.08
C PRO A 100 6.42 -47.81 10.32
N ASP A 101 6.38 -48.36 9.10
CA ASP A 101 7.64 -48.51 8.38
C ASP A 101 8.21 -47.19 7.87
N LEU A 102 7.46 -46.08 7.95
CA LEU A 102 7.94 -44.76 7.52
C LEU A 102 8.49 -44.02 8.73
N ALA A 103 9.80 -43.81 8.75
CA ALA A 103 10.44 -43.10 9.85
C ALA A 103 9.91 -41.66 9.97
N LEU A 104 9.34 -41.32 11.14
CA LEU A 104 8.67 -40.06 11.42
C LEU A 104 9.18 -39.46 12.73
N THR A 105 9.44 -38.16 12.77
CA THR A 105 9.75 -37.51 14.03
C THR A 105 8.90 -36.27 14.14
N LEU A 106 8.00 -36.24 15.12
CA LEU A 106 7.25 -35.03 15.40
C LEU A 106 8.02 -34.29 16.48
N VAL A 107 8.56 -33.13 16.12
CA VAL A 107 9.26 -32.29 17.06
C VAL A 107 8.35 -31.10 17.30
N GLU A 108 8.14 -30.76 18.57
CA GLU A 108 7.21 -29.72 18.91
C GLU A 108 7.91 -28.66 19.75
N GLU A 109 7.49 -27.39 19.55
CA GLU A 109 8.26 -26.26 20.02
C GLU A 109 7.45 -25.48 21.05
N THR A 110 8.15 -24.92 22.04
CA THR A 110 7.54 -24.14 23.11
C THR A 110 6.34 -23.30 22.67
N GLU A 111 6.42 -22.72 21.48
CA GLU A 111 5.91 -21.41 21.11
C GLU A 111 6.08 -21.11 19.63
N ARG A 112 5.04 -20.57 18.98
CA ARG A 112 5.12 -20.26 17.55
C ARG A 112 6.03 -19.07 17.32
N ARG A 113 7.05 -19.26 16.50
CA ARG A 113 7.98 -18.18 16.17
C ARG A 113 8.27 -18.12 14.68
N GLY A 114 7.31 -18.49 13.85
CA GLY A 114 7.46 -18.37 12.42
C GLY A 114 8.02 -19.61 11.75
N LYS A 115 7.86 -19.63 10.42
CA LYS A 115 8.19 -20.82 9.63
C LYS A 115 9.69 -21.12 9.63
N ALA A 116 10.53 -20.12 9.39
CA ALA A 116 11.97 -20.35 9.34
C ALA A 116 12.52 -20.88 10.67
N HIS A 117 12.01 -20.37 11.80
CA HIS A 117 12.46 -20.86 13.11
C HIS A 117 12.14 -22.34 13.28
N ALA A 118 10.91 -22.72 12.94
CA ALA A 118 10.52 -24.13 13.01
C ALA A 118 11.43 -24.98 12.13
N LEU A 119 11.70 -24.52 10.92
CA LEU A 119 12.57 -25.24 10.00
C LEU A 119 13.97 -25.40 10.59
N ASN A 120 14.47 -24.35 11.24
CA ASN A 120 15.82 -24.39 11.79
C ASN A 120 15.93 -25.47 12.86
N THR A 121 14.92 -25.56 13.75
CA THR A 121 14.98 -26.61 14.78
C THR A 121 14.85 -27.99 14.16
N ALA A 122 13.98 -28.12 13.15
CA ALA A 122 13.79 -29.41 12.51
C ALA A 122 15.08 -29.90 11.86
N LEU A 123 15.91 -28.96 11.41
CA LEU A 123 17.18 -29.27 10.77
C LEU A 123 18.13 -30.04 11.69
N ARG A 124 18.18 -29.68 12.98
CA ARG A 124 19.13 -30.36 13.86
C ARG A 124 18.73 -31.81 14.14
N HIS A 125 17.43 -32.12 14.07
CA HIS A 125 16.95 -33.48 14.29
C HIS A 125 16.85 -34.30 12.99
N ALA A 126 17.32 -33.77 11.87
CA ALA A 126 17.21 -34.42 10.57
C ALA A 126 18.48 -35.22 10.26
N THR A 127 18.33 -36.41 9.66
CA THR A 127 19.47 -37.31 9.44
C THR A 127 19.89 -37.41 7.97
N GLY A 128 19.20 -36.72 7.04
CA GLY A 128 19.45 -36.94 5.63
C GLY A 128 20.58 -36.12 5.02
N GLU A 129 21.10 -36.60 3.89
CA GLU A 129 22.04 -35.81 3.07
C GLU A 129 21.31 -34.74 2.29
N ILE A 130 20.06 -34.99 1.96
CA ILE A 130 19.20 -34.05 1.25
C ILE A 130 18.04 -33.71 2.16
N VAL A 131 17.79 -32.42 2.34
CA VAL A 131 16.64 -31.93 3.10
C VAL A 131 15.63 -31.36 2.11
N VAL A 132 14.42 -31.88 2.13
CA VAL A 132 13.32 -31.42 1.28
C VAL A 132 12.31 -30.74 2.16
N ILE A 133 12.11 -29.44 1.95
CA ILE A 133 11.05 -28.69 2.62
C ILE A 133 9.81 -28.81 1.76
N THR A 134 8.66 -29.08 2.37
CA THR A 134 7.44 -29.05 1.58
C THR A 134 6.26 -28.58 2.44
N ASP A 135 5.38 -27.79 1.83
CA ASP A 135 4.25 -27.24 2.56
C ASP A 135 3.15 -28.28 2.74
N ALA A 136 2.48 -28.24 3.90
CA ALA A 136 1.50 -29.26 4.26
C ALA A 136 0.32 -29.31 3.30
N ASP A 137 0.02 -28.20 2.63
CA ASP A 137 -1.04 -28.14 1.64
C ASP A 137 -0.53 -28.48 0.25
N ALA A 138 0.71 -28.93 0.12
CA ALA A 138 1.28 -29.28 -1.17
C ALA A 138 1.18 -30.79 -1.36
N LEU A 139 0.75 -31.22 -2.53
CA LEU A 139 0.69 -32.63 -2.84
C LEU A 139 1.53 -32.88 -4.08
N TRP A 140 2.30 -33.92 -4.00
CA TRP A 140 3.14 -34.36 -5.09
C TRP A 140 2.33 -35.23 -6.04
N PRO A 141 2.29 -34.89 -7.33
CA PRO A 141 1.37 -35.58 -8.23
C PRO A 141 1.76 -37.01 -8.54
N ALA A 142 3.05 -37.34 -8.54
CA ALA A 142 3.50 -38.66 -8.94
C ALA A 142 4.19 -39.36 -7.78
N ARG A 143 4.34 -40.68 -7.90
CA ARG A 143 5.04 -41.44 -6.87
C ARG A 143 6.56 -41.39 -7.05
N ASP A 144 7.03 -40.80 -8.15
CA ASP A 144 8.46 -40.61 -8.34
C ASP A 144 8.83 -39.14 -8.37
N THR A 145 7.96 -38.26 -7.84
CA THR A 145 8.30 -36.84 -7.78
C THR A 145 9.55 -36.62 -6.94
N LEU A 146 9.53 -37.14 -5.72
CA LEU A 146 10.67 -36.98 -4.82
C LEU A 146 11.94 -37.53 -5.45
N ALA A 147 11.85 -38.74 -6.00
CA ALA A 147 13.00 -39.38 -6.65
C ALA A 147 13.50 -38.57 -7.83
N ASN A 148 12.60 -37.92 -8.58
CA ASN A 148 13.03 -37.07 -9.68
C ASN A 148 13.90 -35.92 -9.19
N ALA A 149 13.46 -35.24 -8.15
CA ALA A 149 14.26 -34.15 -7.59
C ALA A 149 15.62 -34.66 -7.12
N VAL A 150 15.60 -35.77 -6.38
CA VAL A 150 16.85 -36.33 -5.86
C VAL A 150 17.79 -36.68 -7.00
N LYS A 151 17.27 -37.32 -8.05
CA LYS A 151 18.13 -37.67 -9.16
C LYS A 151 18.83 -36.42 -9.68
N TRP A 152 18.14 -35.27 -9.68
CA TRP A 152 18.79 -34.05 -10.16
C TRP A 152 19.88 -33.52 -9.22
N LEU A 153 19.86 -33.87 -7.92
CA LEU A 153 20.92 -33.39 -7.03
C LEU A 153 22.26 -34.20 -7.08
N ALA A 154 22.38 -35.24 -7.90
CA ALA A 154 23.61 -36.06 -7.86
C ALA A 154 24.89 -35.24 -8.11
N ASP A 155 24.86 -34.32 -9.05
CA ASP A 155 26.09 -33.64 -9.42
C ASP A 155 26.61 -32.79 -8.25
N PRO A 156 27.92 -32.83 -8.00
CA PRO A 156 28.45 -32.08 -6.84
C PRO A 156 28.31 -30.59 -6.96
N THR A 157 28.02 -30.05 -8.15
CA THR A 157 27.84 -28.61 -8.29
C THR A 157 26.40 -28.18 -8.08
N VAL A 158 25.45 -29.10 -8.02
CA VAL A 158 24.05 -28.78 -7.81
C VAL A 158 23.78 -28.80 -6.31
N GLY A 159 23.46 -27.66 -5.73
CA GLY A 159 23.22 -27.58 -4.30
C GLY A 159 21.77 -27.58 -3.89
N ALA A 160 20.88 -27.32 -4.85
CA ALA A 160 19.48 -27.09 -4.55
C ALA A 160 18.64 -27.32 -5.80
N VAL A 161 17.44 -27.91 -5.59
CA VAL A 161 16.50 -28.26 -6.65
C VAL A 161 15.09 -27.89 -6.21
N SER A 162 14.28 -27.29 -7.09
CA SER A 162 12.88 -27.05 -6.79
C SER A 162 12.05 -27.47 -8.00
N CYS A 163 10.73 -27.36 -7.88
CA CYS A 163 9.93 -27.85 -8.99
C CYS A 163 9.49 -26.70 -9.90
N VAL A 164 9.06 -27.10 -11.09
CA VAL A 164 8.24 -26.32 -11.97
C VAL A 164 6.78 -26.59 -11.63
N LYS A 165 5.97 -25.54 -11.57
CA LYS A 165 4.60 -25.71 -11.10
C LYS A 165 3.65 -25.74 -12.30
N ARG A 166 2.55 -26.47 -12.16
CA ARG A 166 1.40 -26.43 -13.07
C ARG A 166 0.11 -26.36 -12.29
N PRO A 167 -0.98 -25.91 -12.95
CA PRO A 167 -2.25 -25.76 -12.22
C PRO A 167 -3.19 -26.96 -12.03
N ARG A 178 2.20 -19.02 -15.68
CA ARG A 178 2.14 -19.08 -17.12
C ARG A 178 3.37 -19.75 -17.70
N ASP A 179 3.32 -19.91 -19.01
CA ASP A 179 4.41 -20.48 -19.75
C ASP A 179 5.62 -19.59 -19.63
N PHE A 180 5.42 -18.27 -19.68
CA PHE A 180 6.48 -17.31 -19.59
C PHE A 180 7.18 -17.46 -18.25
N TYR A 181 6.41 -17.62 -17.18
CA TYR A 181 7.00 -17.77 -15.87
C TYR A 181 7.85 -19.01 -15.84
N ASN A 182 7.32 -20.11 -16.38
CA ASN A 182 8.10 -21.35 -16.37
C ASN A 182 9.35 -21.25 -17.19
N VAL A 183 9.27 -20.57 -18.32
CA VAL A 183 10.41 -20.40 -19.17
C VAL A 183 11.50 -19.66 -18.45
N LEU A 184 11.15 -18.63 -17.71
CA LEU A 184 12.18 -17.93 -17.00
C LEU A 184 12.84 -18.83 -16.00
N ARG A 185 12.10 -19.74 -15.43
CA ARG A 185 12.65 -20.59 -14.37
C ARG A 185 13.67 -21.57 -14.94
N VAL A 186 13.24 -22.39 -15.90
CA VAL A 186 14.18 -23.41 -16.37
C VAL A 186 15.31 -22.79 -17.18
N ALA A 187 15.07 -21.66 -17.87
CA ALA A 187 16.16 -20.99 -18.59
C ALA A 187 17.20 -20.46 -17.63
N GLU A 188 16.79 -19.79 -16.56
CA GLU A 188 17.74 -19.32 -15.56
C GLU A 188 18.46 -20.48 -14.90
N SER A 189 17.76 -21.62 -14.77
CA SER A 189 18.36 -22.81 -14.22
C SER A 189 19.49 -23.28 -15.13
N LYS A 190 19.22 -23.39 -16.42
CA LYS A 190 20.23 -23.85 -17.37
C LYS A 190 21.41 -22.88 -17.42
N ALA A 191 21.13 -21.58 -17.39
CA ALA A 191 22.20 -20.59 -17.40
C ALA A 191 23.06 -20.68 -16.15
N TRP A 192 22.44 -20.71 -14.99
CA TRP A 192 23.19 -20.95 -13.76
C TRP A 192 22.24 -21.37 -12.65
N ALA A 193 21.44 -20.43 -12.16
CA ALA A 193 20.50 -20.73 -11.10
C ALA A 193 19.26 -19.87 -11.27
N THR A 194 18.17 -20.30 -10.63
CA THR A 194 17.03 -19.41 -10.63
C THR A 194 16.86 -18.85 -9.23
N PRO A 195 16.57 -17.55 -9.08
CA PRO A 195 16.48 -16.96 -7.73
C PRO A 195 15.15 -17.18 -7.06
N ILE A 196 14.25 -17.93 -7.69
CA ILE A 196 12.91 -18.17 -7.17
C ILE A 196 12.73 -19.68 -7.09
N PHE A 197 12.50 -20.18 -5.89
CA PHE A 197 12.18 -21.58 -5.62
C PHE A 197 10.74 -21.68 -5.15
N HIS A 198 10.22 -22.90 -5.04
CA HIS A 198 8.83 -23.11 -4.64
C HIS A 198 8.73 -24.02 -3.41
N GLY A 199 7.91 -23.63 -2.46
CA GLY A 199 7.75 -24.33 -1.20
C GLY A 199 7.06 -25.66 -1.31
N GLU A 200 6.47 -25.96 -2.48
CA GLU A 200 5.85 -27.25 -2.71
C GLU A 200 6.88 -28.35 -2.69
N LEU A 201 8.12 -28.00 -3.07
CA LEU A 201 9.25 -28.92 -3.05
C LEU A 201 10.51 -28.08 -3.12
N ALA A 202 11.26 -28.00 -2.01
CA ALA A 202 12.53 -27.27 -2.03
C ALA A 202 13.60 -28.18 -1.41
N ALA A 203 14.48 -28.72 -2.25
CA ALA A 203 15.46 -29.73 -1.82
C ALA A 203 16.85 -29.13 -1.77
N PHE A 204 17.50 -29.26 -0.62
CA PHE A 204 18.81 -28.67 -0.37
C PHE A 204 19.81 -29.72 0.12
N LYS A 205 21.08 -29.52 -0.20
CA LYS A 205 22.11 -30.34 0.43
C LYS A 205 22.38 -29.88 1.86
N ARG A 206 22.25 -30.79 2.84
CA ARG A 206 22.30 -30.42 4.26
C ARG A 206 23.61 -29.72 4.66
N GLU A 207 24.75 -30.22 4.17
CA GLU A 207 26.00 -29.47 4.23
C GLU A 207 25.85 -27.98 3.92
N LEU A 208 25.15 -27.62 2.84
CA LEU A 208 25.00 -26.19 2.49
C LEU A 208 24.15 -25.40 3.49
N LEU A 209 22.99 -25.94 3.89
CA LEU A 209 22.12 -25.32 4.89
C LEU A 209 22.85 -25.05 6.18
N GLU A 210 23.80 -25.89 6.47
CA GLU A 210 24.64 -26.00 7.63
C GLU A 210 25.87 -25.12 7.57
N ARG A 211 26.27 -24.72 6.39
CA ARG A 211 27.23 -23.64 6.20
C ARG A 211 26.62 -22.25 6.29
N LEU A 212 25.30 -22.11 6.10
CA LEU A 212 24.72 -20.80 5.82
C LEU A 212 24.39 -19.95 7.06
N GLY A 213 24.08 -20.56 8.21
CA GLY A 213 23.70 -21.94 8.42
C GLY A 213 22.31 -22.02 8.97
N GLY A 214 21.48 -22.78 8.29
CA GLY A 214 20.08 -22.90 8.62
C GLY A 214 19.26 -21.89 7.85
N PHE A 215 18.03 -21.78 8.22
CA PHE A 215 17.21 -20.82 7.52
C PHE A 215 17.09 -19.55 8.34
N PRO A 216 17.37 -18.38 7.78
CA PRO A 216 17.28 -17.14 8.58
C PRO A 216 15.88 -16.55 8.58
N THR A 217 15.54 -15.94 9.72
CA THR A 217 14.20 -15.43 10.00
C THR A 217 13.82 -14.16 9.24
N ASP A 218 14.81 -13.38 8.74
CA ASP A 218 14.54 -12.01 8.32
C ASP A 218 13.76 -11.91 7.00
N VAL A 219 13.85 -12.91 6.14
CA VAL A 219 13.25 -12.83 4.80
C VAL A 219 12.03 -13.73 4.73
N GLY A 220 11.03 -13.28 3.96
CA GLY A 220 9.77 -14.01 3.90
C GLY A 220 9.88 -15.27 3.08
N ALA A 221 10.56 -15.19 1.93
CA ALA A 221 10.68 -16.29 0.97
C ALA A 221 11.91 -17.12 1.31
N ASP A 222 11.75 -18.00 2.30
CA ASP A 222 12.88 -18.83 2.76
C ASP A 222 13.43 -19.73 1.65
N ASP A 223 12.56 -20.42 0.91
CA ASP A 223 13.04 -21.24 -0.21
C ASP A 223 13.88 -20.42 -1.19
N SER A 224 13.33 -19.30 -1.68
CA SER A 224 14.03 -18.52 -2.71
C SER A 224 15.27 -17.87 -2.14
N HIS A 225 15.24 -17.43 -0.89
CA HIS A 225 16.41 -16.79 -0.31
C HIS A 225 17.53 -17.80 -0.09
N THR A 226 17.19 -19.03 0.34
CA THR A 226 18.20 -20.05 0.50
C THR A 226 18.76 -20.49 -0.86
N ALA A 227 17.89 -20.68 -1.86
CA ALA A 227 18.35 -21.01 -3.20
C ALA A 227 19.30 -19.94 -3.73
N THR A 228 18.98 -18.68 -3.44
CA THR A 228 19.78 -17.57 -3.96
C THR A 228 21.14 -17.52 -3.29
N LYS A 229 21.21 -17.79 -1.98
CA LYS A 229 22.51 -17.74 -1.30
C LYS A 229 23.37 -18.97 -1.58
N ILE A 230 22.73 -20.12 -1.86
CA ILE A 230 23.46 -21.25 -2.38
C ILE A 230 24.01 -20.96 -3.78
N ALA A 231 23.25 -20.23 -4.60
CA ALA A 231 23.79 -19.86 -5.91
C ALA A 231 24.92 -18.84 -5.78
N MET A 232 24.83 -17.95 -4.79
CA MET A 232 25.88 -16.98 -4.56
C MET A 232 27.19 -17.64 -4.19
N MET A 233 27.12 -18.83 -3.57
CA MET A 233 28.29 -19.58 -3.12
C MET A 233 28.95 -20.36 -4.25
N GLY A 234 28.40 -20.32 -5.45
CA GLY A 234 28.92 -21.09 -6.56
C GLY A 234 28.29 -22.45 -6.81
N TYR A 235 27.17 -22.77 -6.17
CA TYR A 235 26.44 -23.99 -6.47
C TYR A 235 25.24 -23.69 -7.38
N ARG A 236 24.74 -24.73 -8.02
CA ARG A 236 23.59 -24.57 -8.91
C ARG A 236 22.30 -24.74 -8.11
N ALA A 237 21.33 -23.86 -8.38
CA ALA A 237 19.99 -23.97 -7.81
C ALA A 237 19.01 -24.01 -8.97
N ILE A 238 18.43 -25.18 -9.26
CA ILE A 238 17.79 -25.41 -10.55
C ILE A 238 16.37 -25.95 -10.38
N THR A 239 15.56 -25.77 -11.42
CA THR A 239 14.19 -26.28 -11.47
C THR A 239 13.97 -27.03 -12.79
N PRO A 240 14.26 -28.33 -12.82
CA PRO A 240 14.14 -29.10 -14.08
C PRO A 240 12.69 -29.28 -14.51
N PRO A 241 12.40 -29.21 -15.81
CA PRO A 241 11.01 -29.39 -16.28
C PRO A 241 10.35 -30.72 -15.87
N ASP A 242 11.08 -31.77 -15.54
CA ASP A 242 10.44 -33.02 -15.17
C ASP A 242 10.23 -33.14 -13.66
N VAL A 243 10.57 -32.11 -12.90
CA VAL A 243 10.23 -32.03 -11.47
C VAL A 243 9.05 -31.07 -11.41
N VAL A 244 7.84 -31.60 -11.40
CA VAL A 244 6.65 -30.76 -11.46
C VAL A 244 5.75 -31.04 -10.25
N CYS A 245 5.25 -29.96 -9.65
CA CYS A 245 4.27 -30.02 -8.57
C CYS A 245 3.01 -29.24 -8.98
N VAL A 246 1.98 -29.39 -8.16
CA VAL A 246 0.74 -28.68 -8.35
C VAL A 246 0.71 -27.56 -7.32
N GLU A 247 0.46 -26.34 -7.80
CA GLU A 247 0.43 -25.20 -6.91
C GLU A 247 -0.87 -25.24 -6.11
N ALA A 248 -0.74 -25.10 -4.80
CA ALA A 248 -1.93 -25.14 -3.93
C ALA A 248 -2.49 -23.73 -3.81
N VAL A 249 -3.63 -23.51 -4.46
CA VAL A 249 -4.27 -22.19 -4.43
C VAL A 249 -5.13 -22.13 -3.19
N PRO A 250 -5.15 -21.00 -2.47
CA PRO A 250 -5.68 -20.99 -1.10
C PRO A 250 -7.19 -21.10 -0.99
N LYS A 251 -7.96 -20.74 -2.02
CA LYS A 251 -9.41 -20.65 -2.02
C LYS A 251 -9.87 -19.34 -1.33
N ARG A 252 -9.62 -19.11 -0.03
CA ARG A 252 -10.07 -17.86 0.61
C ARG A 252 -8.93 -16.83 0.52
N GLY A 253 -9.30 -15.58 0.21
CA GLY A 253 -8.36 -14.48 0.27
C GLY A 253 -7.28 -14.75 -0.72
N TYR A 254 -7.73 -15.04 -1.94
CA TYR A 254 -6.80 -15.31 -3.00
C TYR A 254 -5.91 -14.10 -3.22
N HIS A 255 -6.51 -12.92 -3.29
CA HIS A 255 -5.75 -11.70 -3.58
C HIS A 255 -4.80 -11.34 -2.44
N ALA A 256 -5.25 -11.45 -1.19
CA ALA A 256 -4.35 -11.19 -0.07
C ALA A 256 -3.19 -12.17 -0.07
N TRP A 257 -3.50 -13.45 -0.32
CA TRP A 257 -2.47 -14.47 -0.42
C TRP A 257 -1.44 -14.10 -1.49
N ARG A 258 -1.91 -13.68 -2.67
CA ARG A 258 -0.96 -13.43 -3.73
C ARG A 258 -0.14 -12.18 -3.45
N ILE A 259 -0.72 -11.18 -2.78
CA ILE A 259 0.08 -10.01 -2.44
C ILE A 259 1.10 -10.38 -1.36
N ARG A 260 0.76 -11.30 -0.47
CA ARG A 260 1.72 -11.69 0.56
C ARG A 260 2.88 -12.51 -0.04
N ARG A 261 2.59 -13.34 -1.04
CA ARG A 261 3.70 -13.94 -1.78
C ARG A 261 4.54 -12.88 -2.47
N ALA A 262 3.89 -11.88 -3.06
CA ALA A 262 4.65 -10.79 -3.69
C ALA A 262 5.51 -10.06 -2.68
N GLN A 263 4.99 -9.89 -1.47
CA GLN A 263 5.74 -9.26 -0.40
C GLN A 263 7.01 -10.05 -0.08
N HIS A 264 6.89 -11.37 0.05
CA HIS A 264 8.08 -12.22 0.27
C HIS A 264 9.08 -12.06 -0.86
N LEU A 265 8.60 -12.08 -2.10
CA LEU A 265 9.51 -11.90 -3.21
C LEU A 265 10.20 -10.52 -3.18
N VAL A 266 9.49 -9.44 -2.78
CA VAL A 266 10.13 -8.11 -2.83
C VAL A 266 11.13 -7.97 -1.70
N GLN A 267 10.83 -8.49 -0.51
CA GLN A 267 11.85 -8.50 0.54
C GLN A 267 13.07 -9.29 0.09
N HIS A 268 12.85 -10.48 -0.46
CA HIS A 268 13.96 -11.29 -0.89
C HIS A 268 14.83 -10.55 -1.90
N PHE A 269 14.24 -10.04 -2.99
CA PHE A 269 15.09 -9.44 -4.01
C PHE A 269 15.77 -8.17 -3.51
N ALA A 270 15.07 -7.38 -2.69
CA ALA A 270 15.69 -6.18 -2.12
C ALA A 270 16.90 -6.55 -1.29
N LYS A 271 16.78 -7.58 -0.47
CA LYS A 271 17.92 -7.96 0.38
C LYS A 271 19.02 -8.65 -0.42
N ALA A 272 18.66 -9.38 -1.49
CA ALA A 272 19.64 -10.12 -2.29
C ALA A 272 20.56 -9.19 -3.08
N ILE A 273 20.01 -8.15 -3.71
CA ILE A 273 20.88 -7.26 -4.49
C ILE A 273 21.82 -6.46 -3.59
N ARG A 274 21.50 -6.31 -2.33
CA ARG A 274 22.35 -5.56 -1.41
C ARG A 274 23.53 -6.36 -0.92
N ASP A 275 23.69 -7.62 -1.32
CA ASP A 275 24.86 -8.41 -0.94
C ASP A 275 25.61 -8.75 -2.21
N GLY A 276 26.66 -7.98 -2.52
CA GLY A 276 27.31 -8.02 -3.81
C GLY A 276 27.98 -9.36 -3.98
N LYS A 277 28.76 -9.44 -5.06
CA LYS A 277 29.60 -10.57 -5.45
C LYS A 277 28.83 -11.77 -5.99
N ALA A 278 28.20 -11.58 -7.08
CA ALA A 278 27.58 -12.79 -7.58
C ALA A 278 28.50 -13.40 -8.62
N PRO A 279 28.47 -14.73 -8.78
CA PRO A 279 29.22 -15.36 -9.86
C PRO A 279 28.83 -14.74 -11.19
N PRO A 280 29.75 -14.60 -12.14
CA PRO A 280 29.45 -13.89 -13.39
C PRO A 280 28.25 -14.47 -14.13
N PRO A 281 28.03 -15.80 -14.12
CA PRO A 281 26.80 -16.29 -14.78
C PRO A 281 25.51 -15.83 -14.13
N PHE A 282 25.50 -15.61 -12.81
CA PHE A 282 24.31 -15.33 -12.04
C PHE A 282 23.95 -13.85 -12.02
N LYS A 283 24.96 -12.99 -12.05
CA LYS A 283 24.73 -11.57 -11.83
C LYS A 283 23.70 -10.98 -12.79
N PRO A 284 23.74 -11.26 -14.11
CA PRO A 284 22.65 -10.78 -14.97
C PRO A 284 21.29 -11.35 -14.58
N ILE A 285 21.22 -12.64 -14.22
CA ILE A 285 19.95 -13.23 -13.79
C ILE A 285 19.42 -12.50 -12.56
N LEU A 286 20.29 -12.35 -11.55
CA LEU A 286 19.89 -11.73 -10.30
C LEU A 286 19.42 -10.31 -10.55
N HIS A 287 20.20 -9.54 -11.33
CA HIS A 287 19.86 -8.14 -11.55
C HIS A 287 18.59 -8.00 -12.37
N ALA A 288 18.39 -8.85 -13.38
CA ALA A 288 17.18 -8.78 -14.18
C ALA A 288 15.96 -9.12 -13.34
N GLU A 289 16.05 -10.15 -12.52
CA GLU A 289 14.87 -10.53 -11.76
C GLU A 289 14.58 -9.48 -10.70
N ALA A 290 15.63 -8.95 -10.05
CA ALA A 290 15.40 -7.90 -9.07
C ALA A 290 14.80 -6.66 -9.74
N TYR A 291 15.25 -6.34 -10.96
CA TYR A 291 14.66 -5.21 -11.66
C TYR A 291 13.17 -5.48 -11.93
N LEU A 292 12.84 -6.65 -12.46
CA LEU A 292 11.45 -6.92 -12.77
C LEU A 292 10.57 -6.94 -11.53
N HIS A 293 11.15 -7.20 -10.38
CA HIS A 293 10.38 -7.32 -9.16
C HIS A 293 10.35 -6.04 -8.33
N LEU A 294 11.34 -5.17 -8.49
CA LEU A 294 11.45 -3.95 -7.68
C LEU A 294 11.23 -2.66 -8.44
N ALA A 295 11.49 -2.63 -9.75
CA ALA A 295 11.50 -1.37 -10.51
C ALA A 295 10.37 -1.29 -11.53
N ASN A 296 10.31 -2.22 -12.48
CA ASN A 296 9.31 -2.19 -13.56
C ASN A 296 7.84 -1.98 -13.13
N PRO A 297 7.37 -2.65 -12.07
CA PRO A 297 5.99 -2.40 -11.64
C PRO A 297 5.67 -0.93 -11.48
N TRP A 298 6.57 -0.16 -10.86
CA TRP A 298 6.34 1.26 -10.63
C TRP A 298 6.16 2.01 -11.94
N ALA A 299 6.88 1.61 -12.98
CA ALA A 299 6.73 2.32 -14.25
C ALA A 299 5.31 2.19 -14.77
N LEU A 300 4.61 1.12 -14.42
CA LEU A 300 3.25 1.00 -14.95
C LEU A 300 2.28 2.06 -14.43
N PRO A 301 1.96 2.13 -13.13
CA PRO A 301 0.93 3.07 -12.70
C PRO A 301 1.38 4.54 -12.81
N THR A 302 2.67 4.81 -12.91
CA THR A 302 3.11 6.17 -13.18
C THR A 302 2.65 6.60 -14.57
N ALA A 303 2.77 5.70 -15.55
CA ALA A 303 2.21 5.98 -16.87
C ALA A 303 0.70 6.12 -16.81
N ALA A 304 0.02 5.27 -16.02
CA ALA A 304 -1.44 5.37 -15.96
C ALA A 304 -1.88 6.70 -15.38
N ALA A 305 -1.16 7.21 -14.39
CA ALA A 305 -1.52 8.50 -13.81
C ALA A 305 -1.17 9.65 -14.74
N ALA A 306 -0.04 9.54 -15.45
CA ALA A 306 0.28 10.52 -16.48
C ALA A 306 -0.86 10.64 -17.48
N LEU A 307 -1.39 9.50 -17.94
CA LEU A 307 -2.46 9.59 -18.93
C LEU A 307 -3.80 9.95 -18.30
N ALA A 308 -4.03 9.63 -17.03
CA ALA A 308 -5.26 10.05 -16.39
C ALA A 308 -5.32 11.57 -16.27
N ALA A 309 -4.23 12.19 -15.80
CA ALA A 309 -4.20 13.64 -15.72
C ALA A 309 -4.28 14.25 -17.12
N ALA A 310 -3.48 13.74 -18.07
CA ALA A 310 -3.56 14.25 -19.42
C ALA A 310 -4.97 14.13 -20.00
N ALA A 311 -5.73 13.12 -19.59
CA ALA A 311 -7.06 12.85 -20.13
C ALA A 311 -8.08 13.80 -19.54
N ALA A 312 -8.19 13.82 -18.20
CA ALA A 312 -9.22 14.61 -17.54
C ALA A 312 -9.12 16.08 -17.94
N ALA A 313 -7.91 16.56 -18.20
CA ALA A 313 -7.68 17.94 -18.59
C ALA A 313 -7.06 17.94 -19.98
N GLY A 314 -7.70 18.55 -20.93
CA GLY A 314 -6.97 18.70 -22.17
C GLY A 314 -6.98 17.73 -23.35
N SER A 315 -5.90 17.03 -23.54
CA SER A 315 -5.56 16.38 -24.78
C SER A 315 -6.47 15.12 -25.13
N LEU A 316 -6.55 14.03 -24.35
CA LEU A 316 -7.46 12.90 -24.71
C LEU A 316 -7.28 12.22 -26.08
N PRO A 317 -6.05 12.12 -26.59
CA PRO A 317 -5.59 10.83 -27.08
C PRO A 317 -5.25 9.94 -25.92
N ALA A 318 -4.95 10.55 -24.76
CA ALA A 318 -4.68 9.80 -23.54
C ALA A 318 -5.91 9.04 -23.07
N ALA A 319 -7.11 9.57 -23.34
CA ALA A 319 -8.31 8.82 -23.01
C ALA A 319 -8.47 7.63 -23.93
N ALA A 320 -8.09 7.79 -25.21
CA ALA A 320 -8.02 6.63 -26.09
C ALA A 320 -6.99 5.61 -25.59
N LEU A 321 -5.87 6.06 -25.04
CA LEU A 321 -4.87 5.10 -24.56
C LEU A 321 -5.37 4.34 -23.33
N LEU A 322 -6.15 5.00 -22.47
CA LEU A 322 -6.69 4.29 -21.31
C LEU A 322 -7.86 3.39 -21.69
N ALA A 323 -8.67 3.81 -22.67
CA ALA A 323 -9.72 2.94 -23.17
C ALA A 323 -9.14 1.71 -23.83
N THR A 324 -8.06 1.86 -24.60
CA THR A 324 -7.34 0.69 -25.12
C THR A 324 -6.72 -0.14 -23.99
N GLY A 325 -6.30 0.49 -22.89
CA GLY A 325 -5.80 -0.30 -21.76
C GLY A 325 -6.88 -1.20 -21.18
N ALA A 326 -8.09 -0.64 -21.01
CA ALA A 326 -9.22 -1.45 -20.56
C ALA A 326 -9.61 -2.49 -21.60
N ALA A 327 -9.64 -2.10 -22.88
CA ALA A 327 -9.87 -3.04 -23.97
C ALA A 327 -8.84 -4.16 -24.00
N LEU A 328 -7.62 -3.90 -23.55
CA LEU A 328 -6.65 -4.98 -23.49
C LEU A 328 -6.77 -5.77 -22.20
N ALA A 329 -7.51 -5.23 -21.23
CA ALA A 329 -7.90 -6.09 -20.12
C ALA A 329 -8.88 -7.16 -20.59
N LEU A 330 -9.51 -6.97 -21.75
CA LEU A 330 -10.24 -8.05 -22.44
C LEU A 330 -9.48 -9.37 -22.44
N TYR A 331 -8.21 -9.32 -22.81
CA TYR A 331 -7.39 -10.49 -23.09
C TYR A 331 -6.66 -10.92 -21.83
N LYS A 332 -6.66 -12.22 -21.55
CA LYS A 332 -6.37 -12.69 -20.20
C LYS A 332 -4.90 -12.66 -19.84
N PRO A 333 -3.96 -12.80 -20.79
CA PRO A 333 -2.56 -12.57 -20.41
C PRO A 333 -2.26 -11.13 -19.99
N TYR A 334 -2.91 -10.15 -20.62
CA TYR A 334 -2.78 -8.78 -20.17
C TYR A 334 -3.30 -8.64 -18.74
N ARG A 335 -4.46 -9.22 -18.45
CA ARG A 335 -4.98 -9.21 -17.09
C ARG A 335 -3.99 -9.84 -16.12
N THR A 336 -3.46 -11.03 -16.45
CA THR A 336 -2.53 -11.68 -15.54
C THR A 336 -1.33 -10.78 -15.26
N TRP A 337 -0.76 -10.18 -16.32
CA TRP A 337 0.44 -9.37 -16.14
C TRP A 337 0.17 -8.12 -15.32
N THR A 338 -0.81 -7.32 -15.74
CA THR A 338 -1.16 -6.13 -14.98
C THR A 338 -1.50 -6.45 -13.52
N THR A 339 -2.22 -7.55 -13.24
CA THR A 339 -2.52 -7.79 -11.83
C THR A 339 -1.30 -8.28 -11.06
N MET A 340 -0.35 -8.96 -11.72
CA MET A 340 0.90 -9.29 -11.05
C MET A 340 1.69 -8.02 -10.71
N GLN A 341 1.71 -7.06 -11.63
CA GLN A 341 2.35 -5.78 -11.34
C GLN A 341 1.65 -5.07 -10.20
N ALA A 342 0.32 -5.13 -10.20
CA ALA A 342 -0.45 -4.55 -9.11
C ALA A 342 -0.06 -5.19 -7.78
N TYR A 343 0.03 -6.54 -7.76
CA TYR A 343 0.39 -7.25 -6.55
C TYR A 343 1.73 -6.79 -6.04
N LEU A 344 2.69 -6.60 -6.97
CA LEU A 344 4.05 -6.18 -6.62
C LEU A 344 4.08 -4.77 -6.05
N ILE A 345 3.29 -3.85 -6.63
CA ILE A 345 3.26 -2.49 -6.10
C ILE A 345 2.63 -2.49 -4.70
N ALA A 346 1.52 -3.21 -4.53
CA ALA A 346 0.92 -3.31 -3.20
C ALA A 346 1.89 -3.95 -2.23
N ALA A 347 2.68 -4.91 -2.68
CA ALA A 347 3.65 -5.55 -1.80
C ALA A 347 4.71 -4.56 -1.35
N ALA A 348 5.23 -3.76 -2.27
CA ALA A 348 6.23 -2.76 -1.91
C ALA A 348 5.71 -1.81 -0.84
N VAL A 349 4.48 -1.31 -1.02
CA VAL A 349 4.01 -0.34 -0.01
C VAL A 349 3.64 -1.05 1.30
N LYS A 350 3.01 -2.23 1.22
CA LYS A 350 2.69 -2.98 2.43
C LYS A 350 3.95 -3.33 3.18
N ASN A 351 5.03 -3.60 2.44
CA ASN A 351 6.31 -3.87 3.06
C ASN A 351 6.83 -2.65 3.81
N LEU A 352 6.78 -1.49 3.17
CA LEU A 352 7.37 -0.31 3.81
C LEU A 352 6.57 0.15 5.04
N TRP A 353 5.24 0.02 5.00
CA TRP A 353 4.44 0.44 6.14
C TRP A 353 4.13 -0.68 7.10
N ASP A 354 4.54 -1.91 6.76
CA ASP A 354 4.37 -3.03 7.66
C ASP A 354 5.35 -2.94 8.83
N LYS A 355 6.62 -2.67 8.52
CA LYS A 355 7.68 -2.48 9.51
C LYS A 355 7.51 -1.26 10.41
N GLU A 356 6.76 -0.24 9.98
CA GLU A 356 6.33 0.95 10.76
C GLU A 356 6.59 2.23 9.97
N LEU B 1 19.79 4.90 -20.60
CA LEU B 1 18.67 5.83 -20.72
C LEU B 1 17.79 5.87 -19.49
N LEU B 2 17.96 4.91 -18.57
CA LEU B 2 17.13 4.92 -17.37
C LEU B 2 17.59 5.98 -16.40
N GLU B 3 18.85 6.39 -16.49
CA GLU B 3 19.29 7.63 -15.85
C GLU B 3 18.59 8.83 -16.50
N ALA B 4 18.37 8.77 -17.81
CA ALA B 4 17.69 9.86 -18.50
C ALA B 4 16.26 10.00 -18.01
N ILE B 5 15.47 8.92 -18.08
CA ILE B 5 14.09 9.00 -17.64
C ILE B 5 14.05 9.19 -16.13
N ALA B 6 15.10 8.75 -15.44
CA ALA B 6 15.21 8.96 -14.00
C ALA B 6 15.25 10.44 -13.66
N ILE B 7 16.11 11.20 -14.33
CA ILE B 7 16.20 12.63 -14.01
C ILE B 7 15.08 13.42 -14.69
N ALA B 8 14.49 12.87 -15.76
CA ALA B 8 13.27 13.44 -16.30
C ALA B 8 12.13 13.36 -15.29
N LEU B 9 11.87 12.16 -14.75
CA LEU B 9 10.81 11.99 -13.77
C LEU B 9 11.09 12.76 -12.51
N THR B 10 12.35 12.83 -12.10
CA THR B 10 12.70 13.63 -10.93
C THR B 10 12.46 15.13 -11.17
N ALA B 11 12.86 15.61 -12.35
CA ALA B 11 12.62 17.01 -12.71
C ALA B 11 11.13 17.30 -12.68
N ALA B 12 10.32 16.39 -13.24
CA ALA B 12 8.87 16.56 -13.21
C ALA B 12 8.35 16.58 -11.77
N HIS B 13 8.76 15.62 -10.95
CA HIS B 13 8.22 15.49 -9.61
C HIS B 13 8.48 16.73 -8.77
N PHE B 14 9.70 17.26 -8.80
CA PHE B 14 9.92 18.46 -8.00
C PHE B 14 9.64 19.76 -8.76
N GLY B 15 9.49 19.72 -10.08
CA GLY B 15 9.26 20.92 -10.84
C GLY B 15 7.81 21.34 -10.73
N ALA B 16 6.88 20.38 -10.81
CA ALA B 16 5.48 20.79 -10.73
C ALA B 16 5.21 21.58 -9.45
N PRO B 17 5.52 21.07 -8.26
CA PRO B 17 5.16 21.83 -7.05
C PRO B 17 5.89 23.16 -6.92
N LEU B 18 7.10 23.29 -7.42
CA LEU B 18 7.78 24.56 -7.15
C LEU B 18 7.35 25.66 -8.12
N LEU B 19 7.02 25.29 -9.36
CA LEU B 19 6.45 26.28 -10.26
C LEU B 19 5.04 26.67 -9.80
N TYR B 20 4.28 25.67 -9.31
CA TYR B 20 3.00 25.97 -8.72
C TYR B 20 3.13 26.83 -7.47
N TYR B 21 4.17 26.63 -6.67
CA TYR B 21 4.38 27.44 -5.48
C TYR B 21 4.71 28.88 -5.84
N TRP B 22 5.49 29.09 -6.92
CA TRP B 22 5.80 30.47 -7.30
C TRP B 22 4.55 31.21 -7.80
N ARG B 23 3.76 30.54 -8.65
CA ARG B 23 2.50 31.14 -9.09
C ARG B 23 1.50 31.27 -7.92
N ALA B 24 1.65 30.43 -6.90
CA ALA B 24 0.85 30.63 -5.70
C ALA B 24 1.23 31.92 -5.00
N LYS B 25 2.51 32.21 -4.86
CA LYS B 25 2.87 33.43 -4.16
C LYS B 25 2.63 34.67 -5.01
N ARG B 26 2.52 34.51 -6.33
CA ARG B 26 2.05 35.64 -7.13
C ARG B 26 0.57 35.89 -6.91
N TRP B 27 -0.22 34.83 -6.71
CA TRP B 27 -1.59 35.04 -6.26
C TRP B 27 -1.60 35.63 -4.87
N LEU B 28 -0.57 35.38 -4.08
CA LEU B 28 -0.72 35.42 -2.64
C LEU B 28 -1.04 36.81 -2.11
N LYS B 29 -0.62 37.88 -2.76
CA LYS B 29 -0.89 39.16 -2.13
C LYS B 29 -1.79 40.12 -2.90
N LYS B 30 -2.17 39.80 -4.10
CA LYS B 30 -3.10 40.76 -4.66
C LYS B 30 -4.52 40.35 -4.34
N PRO B 31 -5.38 41.34 -4.04
CA PRO B 31 -6.12 41.31 -2.78
C PRO B 31 -7.33 40.39 -2.73
N TRP B 32 -7.81 40.14 -1.50
CA TRP B 32 -9.13 39.58 -1.37
C TRP B 32 -10.06 40.50 -2.11
N ASP B 33 -10.85 39.96 -3.02
CA ASP B 33 -11.90 40.76 -3.61
C ASP B 33 -13.19 40.49 -2.88
N VAL B 34 -13.06 40.15 -1.60
CA VAL B 34 -14.14 39.92 -0.66
C VAL B 34 -13.76 40.63 0.63
N ALA B 35 -14.76 41.02 1.41
CA ALA B 35 -14.49 41.77 2.64
C ALA B 35 -15.24 41.18 3.82
N PRO B 36 -14.56 40.94 4.95
CA PRO B 36 -15.29 40.56 6.16
C PRO B 36 -16.02 41.77 6.72
N ASP B 37 -17.16 41.51 7.32
CA ASP B 37 -17.93 42.57 7.98
C ASP B 37 -18.02 42.26 9.48
N PRO B 38 -17.33 43.00 10.35
CA PRO B 38 -17.38 42.67 11.79
C PRO B 38 -18.73 42.87 12.42
N THR B 39 -19.69 43.51 11.74
CA THR B 39 -21.03 43.74 12.27
C THR B 39 -22.02 42.72 11.78
N TYR B 40 -21.58 41.76 10.99
CA TYR B 40 -22.48 40.75 10.48
C TYR B 40 -22.64 39.76 11.61
N ARG B 41 -23.87 39.57 12.04
CA ARG B 41 -24.16 38.67 13.13
C ARG B 41 -25.38 37.80 12.88
N PRO B 42 -25.26 36.84 11.97
CA PRO B 42 -26.31 35.90 11.63
C PRO B 42 -26.41 34.81 12.65
N ARG B 43 -27.47 34.04 12.56
CA ARG B 43 -27.67 32.94 13.49
C ARG B 43 -26.83 31.76 13.01
N VAL B 44 -26.10 31.14 13.96
CA VAL B 44 -25.05 30.18 13.69
C VAL B 44 -25.36 28.89 14.44
N THR B 45 -25.33 27.77 13.72
CA THR B 45 -25.44 26.43 14.29
C THR B 45 -24.09 25.76 14.24
N VAL B 46 -23.55 25.38 15.40
CA VAL B 46 -22.32 24.59 15.47
C VAL B 46 -22.69 23.12 15.62
N ILE B 47 -22.17 22.27 14.73
CA ILE B 47 -22.50 20.84 14.69
C ILE B 47 -21.27 20.04 15.11
N VAL B 48 -21.45 19.25 16.17
CA VAL B 48 -20.41 18.34 16.63
C VAL B 48 -20.90 16.90 16.42
N PRO B 49 -20.33 16.18 15.47
CA PRO B 49 -20.64 14.76 15.32
C PRO B 49 -19.78 13.92 16.27
N THR B 50 -20.42 12.93 16.91
CA THR B 50 -19.72 12.12 17.89
C THR B 50 -20.08 10.65 17.80
N TYR B 51 -19.05 9.82 17.87
CA TYR B 51 -19.14 8.39 18.18
C TYR B 51 -18.02 8.13 19.20
N ASN B 52 -18.41 7.79 20.43
CA ASN B 52 -17.48 7.42 21.50
C ASN B 52 -16.39 8.48 21.70
N GLU B 53 -16.80 9.65 22.17
CA GLU B 53 -15.89 10.75 22.49
C GLU B 53 -16.22 11.44 23.83
N ALA B 54 -16.58 10.70 24.89
CA ALA B 54 -17.03 11.39 26.11
C ALA B 54 -16.02 12.35 26.76
N PRO B 55 -14.75 11.96 27.00
CA PRO B 55 -13.77 12.95 27.50
C PRO B 55 -13.78 14.23 26.67
N LEU B 56 -13.63 14.03 25.38
CA LEU B 56 -13.47 15.20 24.55
C LEU B 56 -14.80 15.91 24.40
N ILE B 57 -15.93 15.22 24.56
CA ILE B 57 -17.14 15.93 24.17
C ILE B 57 -17.49 16.95 25.22
N GLU B 58 -17.24 16.64 26.50
CA GLU B 58 -17.54 17.73 27.41
C GLU B 58 -16.49 18.85 27.38
N GLU B 59 -15.20 18.54 27.19
CA GLU B 59 -14.36 19.75 27.17
C GLU B 59 -14.47 20.53 25.85
N LYS B 60 -14.87 19.87 24.76
CA LYS B 60 -15.20 20.57 23.51
C LYS B 60 -16.42 21.47 23.68
N LEU B 61 -17.46 20.97 24.35
CA LEU B 61 -18.61 21.81 24.63
C LEU B 61 -18.20 23.04 25.42
N ASP B 62 -17.30 22.87 26.39
CA ASP B 62 -16.85 24.06 27.09
C ASP B 62 -16.03 24.98 26.17
N ASN B 63 -15.28 24.43 25.21
CA ASN B 63 -14.52 25.29 24.31
C ASN B 63 -15.43 26.12 23.42
N ILE B 64 -16.55 25.54 22.96
CA ILE B 64 -17.53 26.34 22.22
C ILE B 64 -18.20 27.36 23.14
N TYR B 65 -18.51 26.97 24.37
CA TYR B 65 -19.18 27.86 25.31
C TYR B 65 -18.42 29.18 25.51
N GLU B 66 -17.10 29.15 25.42
CA GLU B 66 -16.29 30.33 25.71
C GLU B 66 -16.12 31.27 24.52
N GLN B 67 -16.79 31.02 23.40
CA GLN B 67 -16.70 31.92 22.26
C GLN B 67 -17.43 33.25 22.55
N ASP B 68 -16.80 34.35 22.11
CA ASP B 68 -17.35 35.71 22.24
C ASP B 68 -18.68 35.91 21.51
N TYR B 69 -18.97 35.08 20.51
CA TYR B 69 -20.13 35.27 19.64
C TYR B 69 -21.42 35.37 20.45
N PRO B 70 -22.31 36.31 20.13
CA PRO B 70 -23.52 36.52 20.95
C PRO B 70 -24.39 35.27 21.04
N ARG B 71 -24.67 34.85 22.26
CA ARG B 71 -25.26 33.54 22.50
C ARG B 71 -26.72 33.47 22.08
N ASP B 72 -27.38 34.60 21.88
CA ASP B 72 -28.73 34.59 21.32
C ASP B 72 -28.69 34.29 19.81
N LYS B 73 -27.52 34.29 19.20
CA LYS B 73 -27.37 33.92 17.81
C LYS B 73 -26.59 32.60 17.65
N LEU B 74 -26.46 31.81 18.71
CA LEU B 74 -25.66 30.60 18.70
C LEU B 74 -26.49 29.41 19.16
N GLU B 75 -26.40 28.30 18.42
CA GLU B 75 -27.03 27.06 18.85
C GLU B 75 -26.11 25.89 18.49
N VAL B 76 -26.21 24.81 19.26
CA VAL B 76 -25.28 23.68 19.15
C VAL B 76 -26.06 22.39 18.95
N VAL B 77 -25.67 21.61 17.95
CA VAL B 77 -26.26 20.31 17.68
C VAL B 77 -25.17 19.26 17.82
N VAL B 78 -25.29 18.42 18.83
CA VAL B 78 -24.40 17.27 19.04
C VAL B 78 -25.10 16.04 18.51
N VAL B 79 -24.61 15.48 17.41
CA VAL B 79 -25.24 14.30 16.80
C VAL B 79 -24.42 13.06 17.15
N ASP B 80 -25.05 12.10 17.83
CA ASP B 80 -24.34 10.95 18.38
C ASP B 80 -24.81 9.67 17.71
N SER B 81 -23.89 8.87 17.20
CA SER B 81 -24.26 7.68 16.44
C SER B 81 -24.10 6.43 17.31
N ALA B 82 -25.08 6.22 18.19
CA ALA B 82 -25.19 4.98 18.95
C ALA B 82 -23.84 4.58 19.54
N SER B 83 -23.32 5.42 20.42
CA SER B 83 -21.99 5.18 20.96
C SER B 83 -22.06 4.36 22.24
N THR B 84 -21.11 3.41 22.35
CA THR B 84 -21.05 2.48 23.48
C THR B 84 -20.70 3.22 24.76
N ASP B 85 -19.85 4.23 24.63
CA ASP B 85 -19.50 5.13 25.70
C ASP B 85 -20.73 5.85 26.21
N GLY B 86 -20.62 6.47 27.38
CA GLY B 86 -21.75 7.25 27.82
C GLY B 86 -21.78 8.68 27.30
N THR B 87 -21.39 8.89 26.03
CA THR B 87 -21.26 10.26 25.51
C THR B 87 -22.60 11.02 25.47
N PRO B 88 -23.74 10.39 25.13
CA PRO B 88 -25.00 11.14 25.17
C PRO B 88 -25.38 11.66 26.57
N SER B 89 -25.13 10.94 27.67
CA SER B 89 -25.52 11.55 28.94
C SER B 89 -24.39 12.32 29.59
N ALA B 90 -23.17 12.23 29.06
CA ALA B 90 -22.18 13.25 29.32
C ALA B 90 -22.60 14.58 28.70
N VAL B 91 -23.11 14.52 27.47
CA VAL B 91 -23.64 15.70 26.79
C VAL B 91 -24.85 16.24 27.54
N ARG B 92 -25.69 15.34 28.05
CA ARG B 92 -26.88 15.77 28.77
C ARG B 92 -26.55 16.43 30.11
N ARG B 93 -25.54 15.94 30.83
CA ARG B 93 -25.17 16.65 32.06
C ARG B 93 -24.50 17.99 31.76
N TRP B 94 -23.65 18.06 30.72
CA TRP B 94 -23.12 19.38 30.38
C TRP B 94 -24.26 20.34 30.03
N ALA B 95 -25.28 19.84 29.33
CA ALA B 95 -26.37 20.70 28.86
C ALA B 95 -27.27 21.19 30.01
N GLU B 96 -27.54 20.32 31.00
CA GLU B 96 -28.28 20.82 32.16
C GLU B 96 -27.44 21.69 33.05
N THR B 97 -26.13 21.75 32.81
CA THR B 97 -25.17 22.56 33.55
C THR B 97 -24.93 23.93 32.92
N HIS B 98 -25.02 24.09 31.58
CA HIS B 98 -24.96 25.40 30.92
C HIS B 98 -26.28 25.69 30.22
N PRO B 99 -27.27 26.27 30.90
CA PRO B 99 -28.60 26.37 30.32
C PRO B 99 -28.78 27.51 29.33
N ASP B 100 -27.99 28.58 29.47
CA ASP B 100 -28.11 29.73 28.59
C ASP B 100 -27.61 29.47 27.17
N LEU B 101 -26.92 28.35 26.95
CA LEU B 101 -26.42 27.96 25.62
C LEU B 101 -27.38 26.98 24.96
N ALA B 102 -28.00 27.42 23.86
CA ALA B 102 -28.91 26.55 23.12
C ALA B 102 -28.18 25.31 22.63
N LEU B 103 -28.63 24.14 23.09
CA LEU B 103 -28.02 22.87 22.74
C LEU B 103 -29.10 21.85 22.44
N THR B 104 -28.91 21.07 21.37
CA THR B 104 -29.77 19.95 21.02
C THR B 104 -28.89 18.72 20.79
N LEU B 105 -29.16 17.65 21.54
CA LEU B 105 -28.49 16.36 21.34
C LEU B 105 -29.32 15.46 20.43
N VAL B 106 -28.76 15.09 19.30
CA VAL B 106 -29.41 14.17 18.36
C VAL B 106 -28.64 12.84 18.37
N GLU B 107 -29.38 11.74 18.47
CA GLU B 107 -28.78 10.40 18.53
C GLU B 107 -29.41 9.50 17.48
N GLU B 108 -28.59 8.61 16.91
CA GLU B 108 -29.00 7.81 15.75
C GLU B 108 -29.05 6.34 16.15
N THR B 109 -30.04 5.62 15.59
CA THR B 109 -30.22 4.19 15.89
C THR B 109 -28.91 3.41 15.84
N GLU B 110 -28.11 3.63 14.80
CA GLU B 110 -26.93 2.83 14.50
C GLU B 110 -25.86 3.73 13.91
N ARG B 111 -24.62 3.31 14.03
CA ARG B 111 -23.51 4.05 13.42
C ARG B 111 -23.56 3.86 11.90
N ARG B 112 -23.67 4.96 11.14
CA ARG B 112 -23.71 4.85 9.69
C ARG B 112 -22.73 5.82 9.05
N GLY B 113 -21.66 6.14 9.76
CA GLY B 113 -20.66 7.04 9.24
C GLY B 113 -20.97 8.49 9.57
N LYS B 114 -19.93 9.32 9.47
CA LYS B 114 -19.97 10.71 9.92
C LYS B 114 -20.91 11.58 9.08
N ALA B 115 -20.83 11.48 7.75
CA ALA B 115 -21.69 12.32 6.90
C ALA B 115 -23.17 12.06 7.18
N HIS B 116 -23.52 10.81 7.44
CA HIS B 116 -24.90 10.47 7.78
C HIS B 116 -25.35 11.25 9.01
N ALA B 117 -24.49 11.25 10.02
CA ALA B 117 -24.75 12.03 11.23
C ALA B 117 -24.94 13.50 10.90
N LEU B 118 -24.07 14.05 10.06
CA LEU B 118 -24.15 15.47 9.69
C LEU B 118 -25.47 15.80 8.99
N ASN B 119 -25.97 14.90 8.13
CA ASN B 119 -27.26 15.16 7.50
C ASN B 119 -28.39 15.15 8.54
N THR B 120 -28.34 14.19 9.47
CA THR B 120 -29.34 14.18 10.53
C THR B 120 -29.24 15.46 11.35
N ALA B 121 -28.03 15.94 11.61
CA ALA B 121 -27.87 17.20 12.33
C ALA B 121 -28.39 18.39 11.51
N LEU B 122 -28.23 18.32 10.19
CA LEU B 122 -28.63 19.40 9.30
C LEU B 122 -30.11 19.62 9.40
N ARG B 123 -30.86 18.54 9.57
CA ARG B 123 -32.31 18.68 9.68
C ARG B 123 -32.73 19.43 10.94
N HIS B 124 -31.88 19.48 11.97
CA HIS B 124 -32.20 20.26 13.16
C HIS B 124 -31.66 21.68 13.14
N ALA B 125 -30.87 22.08 12.16
CA ALA B 125 -30.15 23.34 12.26
C ALA B 125 -30.98 24.46 11.66
N THR B 126 -31.00 25.61 12.36
CA THR B 126 -31.82 26.74 11.93
C THR B 126 -31.03 27.98 11.55
N GLY B 127 -29.72 27.98 11.69
CA GLY B 127 -28.97 29.18 11.46
C GLY B 127 -28.71 29.44 9.99
N GLU B 128 -28.33 30.69 9.67
CA GLU B 128 -27.92 30.98 8.29
C GLU B 128 -26.56 30.40 8.00
N ILE B 129 -25.73 30.23 9.04
CA ILE B 129 -24.40 29.67 8.93
C ILE B 129 -24.35 28.39 9.77
N VAL B 130 -23.90 27.30 9.14
CA VAL B 130 -23.63 26.04 9.82
C VAL B 130 -22.12 25.86 9.92
N VAL B 131 -21.61 25.68 11.13
CA VAL B 131 -20.19 25.46 11.39
C VAL B 131 -20.00 24.02 11.85
N ILE B 132 -19.30 23.22 11.04
CA ILE B 132 -19.00 21.82 11.34
C ILE B 132 -17.68 21.75 12.09
N THR B 133 -17.65 21.01 13.19
CA THR B 133 -16.37 20.87 13.90
C THR B 133 -16.22 19.51 14.58
N ASP B 134 -14.97 19.03 14.62
CA ASP B 134 -14.65 17.74 15.23
C ASP B 134 -14.46 17.83 16.73
N ALA B 135 -14.95 16.81 17.45
CA ALA B 135 -14.99 16.85 18.91
C ALA B 135 -13.60 16.96 19.52
N ASP B 136 -12.57 16.48 18.82
CA ASP B 136 -11.20 16.54 19.32
C ASP B 136 -10.48 17.83 18.90
N ALA B 137 -11.19 18.75 18.25
CA ALA B 137 -10.63 20.02 17.83
C ALA B 137 -10.99 21.12 18.82
N LEU B 138 -10.01 21.95 19.17
CA LEU B 138 -10.24 23.09 20.03
C LEU B 138 -9.87 24.38 19.33
N TRP B 139 -10.74 25.41 19.49
CA TRP B 139 -10.50 26.73 18.95
C TRP B 139 -9.66 27.54 19.95
N PRO B 140 -8.51 28.07 19.54
CA PRO B 140 -7.55 28.64 20.51
C PRO B 140 -7.99 29.96 21.06
N ALA B 141 -8.75 30.71 20.30
CA ALA B 141 -9.11 32.05 20.70
C ALA B 141 -10.60 32.10 20.98
N ARG B 142 -10.93 33.12 21.74
CA ARG B 142 -12.31 33.39 22.10
C ARG B 142 -13.09 34.08 21.01
N ASP B 143 -12.43 34.56 19.95
CA ASP B 143 -13.06 35.17 18.78
C ASP B 143 -12.78 34.41 17.49
N THR B 144 -12.43 33.12 17.56
CA THR B 144 -12.20 32.35 16.34
C THR B 144 -13.48 32.25 15.50
N LEU B 145 -14.57 31.78 16.13
CA LEU B 145 -15.84 31.61 15.44
C LEU B 145 -16.32 32.93 14.82
N ALA B 146 -16.23 34.02 15.58
CA ALA B 146 -16.62 35.33 15.06
C ALA B 146 -15.77 35.72 13.85
N ASN B 147 -14.48 35.40 13.86
CA ASN B 147 -13.65 35.69 12.69
C ASN B 147 -14.15 34.95 11.44
N ALA B 148 -14.41 33.65 11.58
CA ALA B 148 -14.92 32.91 10.42
C ALA B 148 -16.23 33.52 9.92
N VAL B 149 -17.14 33.82 10.85
CA VAL B 149 -18.44 34.38 10.45
C VAL B 149 -18.26 35.71 9.73
N LYS B 150 -17.43 36.60 10.29
CA LYS B 150 -17.22 37.91 9.66
C LYS B 150 -16.81 37.73 8.20
N TRP B 151 -16.04 36.68 7.91
CA TRP B 151 -15.70 36.43 6.50
C TRP B 151 -16.89 35.90 5.70
N LEU B 152 -17.91 35.34 6.35
CA LEU B 152 -19.04 34.90 5.55
C LEU B 152 -20.00 36.02 5.13
N ALA B 153 -19.75 37.27 5.54
CA ALA B 153 -20.69 38.36 5.27
C ALA B 153 -20.93 38.54 3.79
N ASP B 154 -19.88 38.42 2.98
CA ASP B 154 -20.00 38.71 1.57
C ASP B 154 -20.93 37.70 0.88
N PRO B 155 -21.81 38.17 0.00
CA PRO B 155 -22.71 37.26 -0.72
C PRO B 155 -22.03 36.30 -1.67
N THR B 156 -20.75 36.52 -2.00
CA THR B 156 -20.02 35.61 -2.90
C THR B 156 -19.26 34.51 -2.16
N VAL B 157 -19.16 34.58 -0.84
CA VAL B 157 -18.47 33.57 -0.06
C VAL B 157 -19.48 32.56 0.45
N GLY B 158 -19.31 31.29 0.05
CA GLY B 158 -20.24 30.26 0.46
C GLY B 158 -19.72 29.41 1.62
N ALA B 159 -18.41 29.50 1.89
CA ALA B 159 -17.77 28.60 2.82
C ALA B 159 -16.43 29.19 3.27
N VAL B 160 -16.10 28.99 4.54
CA VAL B 160 -14.87 29.49 5.16
C VAL B 160 -14.29 28.38 6.02
N SER B 161 -12.97 28.20 5.96
CA SER B 161 -12.34 27.25 6.85
C SER B 161 -11.12 27.92 7.45
N CYS B 162 -10.45 27.21 8.36
CA CYS B 162 -9.34 27.80 9.09
C CYS B 162 -8.00 27.40 8.51
N VAL B 163 -7.00 28.19 8.88
CA VAL B 163 -5.58 27.83 8.80
C VAL B 163 -5.12 27.16 10.09
N LYS B 164 -4.17 26.22 9.97
CA LYS B 164 -3.79 25.38 11.10
C LYS B 164 -2.47 25.83 11.72
N ARG B 165 -2.33 25.50 13.00
CA ARG B 165 -1.13 25.78 13.79
C ARG B 165 -0.68 24.50 14.48
N PRO B 166 0.64 24.36 14.71
CA PRO B 166 1.10 23.18 15.46
C PRO B 166 1.11 23.44 16.97
N ARG B 177 5.42 22.52 7.84
CA ARG B 177 5.37 23.15 6.52
C ARG B 177 4.25 24.20 6.36
N ASP B 178 4.66 25.45 6.09
CA ASP B 178 3.73 26.47 5.64
C ASP B 178 3.77 26.69 4.13
N PHE B 179 4.52 25.86 3.38
CA PHE B 179 4.27 25.69 1.96
C PHE B 179 2.79 25.34 1.74
N TYR B 180 2.29 24.41 2.55
CA TYR B 180 0.87 24.07 2.57
C TYR B 180 -0.02 25.30 2.83
N ASN B 181 0.31 26.06 3.89
CA ASN B 181 -0.56 27.18 4.26
C ASN B 181 -0.50 28.30 3.23
N VAL B 182 0.70 28.61 2.73
CA VAL B 182 0.78 29.54 1.62
C VAL B 182 -0.14 29.09 0.49
N LEU B 183 -0.12 27.80 0.15
CA LEU B 183 -0.99 27.35 -0.94
C LEU B 183 -2.46 27.55 -0.60
N ARG B 184 -2.85 27.26 0.65
CA ARG B 184 -4.25 27.39 1.04
C ARG B 184 -4.74 28.82 0.90
N VAL B 185 -4.07 29.76 1.57
CA VAL B 185 -4.59 31.12 1.51
C VAL B 185 -4.38 31.73 0.13
N ALA B 186 -3.31 31.34 -0.58
CA ALA B 186 -3.10 31.86 -1.93
C ALA B 186 -4.22 31.43 -2.86
N GLU B 187 -4.62 30.16 -2.81
CA GLU B 187 -5.77 29.74 -3.60
C GLU B 187 -7.04 30.43 -3.13
N SER B 188 -7.15 30.68 -1.83
CA SER B 188 -8.31 31.38 -1.32
C SER B 188 -8.41 32.78 -1.93
N LYS B 189 -7.29 33.50 -1.93
CA LYS B 189 -7.26 34.83 -2.50
C LYS B 189 -7.53 34.79 -3.99
N ALA B 190 -6.94 33.83 -4.70
CA ALA B 190 -7.21 33.71 -6.12
C ALA B 190 -8.67 33.39 -6.38
N TRP B 191 -9.24 32.42 -5.67
CA TRP B 191 -10.67 32.17 -5.78
C TRP B 191 -11.20 31.33 -4.62
N ALA B 192 -10.89 30.05 -4.64
CA ALA B 192 -11.30 29.12 -3.60
C ALA B 192 -10.20 28.08 -3.48
N THR B 193 -10.16 27.45 -2.34
CA THR B 193 -9.24 26.35 -2.17
C THR B 193 -10.03 25.04 -2.08
N PRO B 194 -9.56 23.98 -2.73
CA PRO B 194 -10.30 22.71 -2.72
C PRO B 194 -10.12 21.87 -1.46
N ILE B 195 -9.36 22.34 -0.47
CA ILE B 195 -9.13 21.58 0.75
C ILE B 195 -9.59 22.43 1.93
N PHE B 196 -10.56 21.91 2.71
CA PHE B 196 -11.01 22.49 3.97
C PHE B 196 -10.57 21.57 5.12
N HIS B 197 -10.72 22.06 6.34
CA HIS B 197 -10.24 21.36 7.53
C HIS B 197 -11.39 21.15 8.52
N GLY B 198 -11.43 19.96 9.11
CA GLY B 198 -12.53 19.58 9.97
C GLY B 198 -12.60 20.29 11.31
N GLU B 199 -11.53 20.98 11.73
CA GLU B 199 -11.53 21.68 13.01
C GLU B 199 -12.51 22.86 13.01
N LEU B 200 -12.77 23.45 11.85
CA LEU B 200 -13.77 24.52 11.68
C LEU B 200 -14.13 24.59 10.20
N ALA B 201 -15.35 24.20 9.83
CA ALA B 201 -15.81 24.30 8.44
C ALA B 201 -17.15 25.02 8.38
N ALA B 202 -17.17 26.28 7.91
CA ALA B 202 -18.38 27.12 7.93
C ALA B 202 -19.00 27.20 6.54
N PHE B 203 -20.28 26.86 6.45
CA PHE B 203 -20.99 26.91 5.19
C PHE B 203 -22.27 27.70 5.34
N LYS B 204 -22.66 28.36 4.26
CA LYS B 204 -23.99 28.94 4.25
C LYS B 204 -25.03 27.83 4.08
N ARG B 205 -25.97 27.78 5.02
CA ARG B 205 -26.92 26.67 5.07
C ARG B 205 -27.75 26.56 3.80
N GLU B 206 -28.22 27.70 3.26
CA GLU B 206 -28.90 27.72 1.98
C GLU B 206 -28.15 26.86 0.96
N LEU B 207 -26.85 27.10 0.83
CA LEU B 207 -26.04 26.36 -0.13
C LEU B 207 -26.01 24.86 0.20
N LEU B 208 -25.77 24.51 1.47
CA LEU B 208 -25.74 23.11 1.87
C LEU B 208 -27.03 22.39 1.53
N GLU B 209 -28.17 23.07 1.63
CA GLU B 209 -29.41 22.32 1.39
C GLU B 209 -29.82 22.38 -0.07
N ARG B 210 -29.13 23.18 -0.87
CA ARG B 210 -29.28 23.03 -2.32
C ARG B 210 -28.47 21.84 -2.90
N LEU B 211 -27.44 21.35 -2.20
CA LEU B 211 -26.44 20.50 -2.86
C LEU B 211 -26.72 18.97 -2.88
N GLY B 212 -27.49 18.36 -1.98
CA GLY B 212 -27.94 18.90 -0.72
C GLY B 212 -27.47 18.04 0.44
N GLY B 213 -26.80 18.67 1.37
CA GLY B 213 -26.28 17.95 2.47
C GLY B 213 -24.89 17.49 2.12
N PHE B 214 -24.40 16.63 2.95
CA PHE B 214 -23.10 16.03 2.80
C PHE B 214 -23.24 14.63 2.23
N PRO B 215 -22.49 14.26 1.20
CA PRO B 215 -22.67 12.94 0.57
C PRO B 215 -21.91 11.82 1.28
N THR B 216 -22.52 10.64 1.22
CA THR B 216 -21.99 9.47 1.94
C THR B 216 -20.73 8.87 1.32
N ASP B 217 -20.62 8.91 -0.02
CA ASP B 217 -19.65 8.09 -0.74
C ASP B 217 -18.20 8.58 -0.63
N VAL B 218 -17.94 9.84 -0.35
CA VAL B 218 -16.57 10.35 -0.38
C VAL B 218 -16.10 10.60 1.05
N GLY B 219 -14.78 10.45 1.24
CA GLY B 219 -14.23 10.50 2.58
C GLY B 219 -14.18 11.89 3.18
N ALA B 220 -13.65 12.86 2.44
CA ALA B 220 -13.44 14.21 2.98
C ALA B 220 -14.67 15.06 2.72
N ASP B 221 -15.68 14.89 3.58
CA ASP B 221 -16.95 15.60 3.40
C ASP B 221 -16.74 17.12 3.38
N ASP B 222 -15.89 17.63 4.28
CA ASP B 222 -15.56 19.06 4.36
C ASP B 222 -15.03 19.59 3.03
N SER B 223 -13.97 18.96 2.49
CA SER B 223 -13.38 19.44 1.25
C SER B 223 -14.30 19.20 0.07
N HIS B 224 -15.07 18.13 0.12
CA HIS B 224 -15.96 17.85 -0.99
C HIS B 224 -17.04 18.92 -1.08
N THR B 225 -17.56 19.35 0.07
CA THR B 225 -18.55 20.41 0.06
C THR B 225 -17.94 21.75 -0.32
N ALA B 226 -16.76 22.09 0.21
CA ALA B 226 -16.09 23.31 -0.22
C ALA B 226 -15.91 23.32 -1.74
N THR B 227 -15.56 22.18 -2.32
CA THR B 227 -15.34 22.04 -3.76
C THR B 227 -16.66 22.13 -4.52
N LYS B 228 -17.76 21.60 -3.96
CA LYS B 228 -19.01 21.62 -4.71
C LYS B 228 -19.63 23.01 -4.71
N ILE B 229 -19.40 23.77 -3.62
CA ILE B 229 -19.74 25.18 -3.56
C ILE B 229 -18.86 25.98 -4.50
N ALA B 230 -17.59 25.59 -4.62
CA ALA B 230 -16.72 26.29 -5.55
C ALA B 230 -17.15 26.05 -6.99
N MET B 231 -17.65 24.85 -7.28
CA MET B 231 -18.18 24.59 -8.60
C MET B 231 -19.39 25.46 -8.88
N MET B 232 -20.07 25.88 -7.82
CA MET B 232 -21.25 26.70 -7.96
C MET B 232 -20.92 28.15 -8.25
N GLY B 233 -19.64 28.51 -8.24
CA GLY B 233 -19.28 29.89 -8.45
C GLY B 233 -19.16 30.72 -7.20
N TYR B 234 -19.18 30.10 -6.02
CA TYR B 234 -18.97 30.80 -4.78
C TYR B 234 -17.55 30.55 -4.29
N ARG B 235 -17.08 31.43 -3.43
CA ARG B 235 -15.74 31.34 -2.90
C ARG B 235 -15.72 30.48 -1.65
N ALA B 236 -14.74 29.58 -1.56
CA ALA B 236 -14.48 28.73 -0.41
C ALA B 236 -13.06 29.03 0.04
N ILE B 237 -12.91 29.66 1.21
CA ILE B 237 -11.66 30.30 1.57
C ILE B 237 -11.19 29.92 2.97
N THR B 238 -9.89 30.07 3.19
CA THR B 238 -9.27 29.87 4.50
C THR B 238 -8.47 31.12 4.85
N PRO B 239 -9.11 32.11 5.45
CA PRO B 239 -8.40 33.36 5.76
C PRO B 239 -7.40 33.16 6.88
N PRO B 240 -6.21 33.77 6.76
CA PRO B 240 -5.19 33.65 7.82
C PRO B 240 -5.63 34.03 9.22
N ASP B 241 -6.70 34.78 9.41
CA ASP B 241 -7.03 35.14 10.79
C ASP B 241 -7.98 34.14 11.42
N VAL B 242 -8.32 33.08 10.68
CA VAL B 242 -9.08 31.96 11.20
C VAL B 242 -8.06 30.85 11.45
N VAL B 243 -7.66 30.68 12.71
CA VAL B 243 -6.62 29.72 13.07
C VAL B 243 -7.22 28.70 14.03
N CYS B 244 -6.94 27.43 13.78
CA CYS B 244 -7.24 26.34 14.71
C CYS B 244 -5.96 25.55 14.93
N VAL B 245 -6.00 24.67 15.93
CA VAL B 245 -4.90 23.79 16.24
C VAL B 245 -5.34 22.37 15.90
N GLU B 246 -4.51 21.65 15.13
CA GLU B 246 -4.80 20.26 14.76
C GLU B 246 -4.46 19.31 15.91
N ALA B 247 -5.37 18.39 16.24
CA ALA B 247 -5.14 17.37 17.27
C ALA B 247 -4.61 16.09 16.61
N VAL B 248 -3.32 15.81 16.78
CA VAL B 248 -2.73 14.62 16.19
C VAL B 248 -2.92 13.45 17.16
N PRO B 249 -3.23 12.26 16.66
CA PRO B 249 -3.73 11.19 17.55
C PRO B 249 -2.68 10.58 18.47
N LYS B 250 -1.39 10.62 18.11
CA LYS B 250 -0.30 9.96 18.84
C LYS B 250 -0.31 8.45 18.57
N ARG B 251 -1.36 7.76 18.99
CA ARG B 251 -1.51 6.34 18.68
C ARG B 251 -2.01 6.18 17.23
N GLY B 252 -1.31 5.37 16.44
CA GLY B 252 -1.66 5.14 15.05
C GLY B 252 -1.55 6.39 14.18
N TYR B 253 -0.40 7.07 14.30
CA TYR B 253 -0.14 8.31 13.57
C TYR B 253 -0.06 8.08 12.06
N HIS B 254 0.72 7.08 11.64
CA HIS B 254 0.86 6.81 10.20
C HIS B 254 -0.45 6.30 9.60
N ALA B 255 -1.14 5.39 10.30
CA ALA B 255 -2.41 4.92 9.78
C ALA B 255 -3.38 6.09 9.64
N TRP B 256 -3.40 6.98 10.63
CA TRP B 256 -4.22 8.19 10.59
C TRP B 256 -3.84 9.07 9.40
N ARG B 257 -2.54 9.25 9.13
CA ARG B 257 -2.14 10.09 8.01
C ARG B 257 -2.52 9.48 6.67
N ILE B 258 -2.39 8.16 6.54
CA ILE B 258 -2.88 7.51 5.32
C ILE B 258 -4.40 7.50 5.25
N ARG B 259 -5.12 7.49 6.34
CA ARG B 259 -6.58 7.53 6.22
C ARG B 259 -7.04 8.93 5.76
N ARG B 260 -6.37 9.97 6.23
CA ARG B 260 -6.62 11.30 5.70
C ARG B 260 -6.24 11.40 4.21
N ALA B 261 -5.10 10.84 3.82
CA ALA B 261 -4.74 10.87 2.40
C ALA B 261 -5.73 10.11 1.54
N GLN B 262 -6.29 9.00 2.05
CA GLN B 262 -7.32 8.28 1.32
C GLN B 262 -8.50 9.17 1.04
N HIS B 263 -8.97 9.89 2.06
CA HIS B 263 -10.08 10.82 1.87
C HIS B 263 -9.74 11.86 0.81
N LEU B 264 -8.53 12.42 0.87
CA LEU B 264 -8.12 13.41 -0.13
C LEU B 264 -8.00 12.85 -1.56
N VAL B 265 -7.47 11.63 -1.76
CA VAL B 265 -7.36 11.12 -3.14
C VAL B 265 -8.72 10.71 -3.67
N GLN B 266 -9.60 10.12 -2.81
CA GLN B 266 -10.96 9.91 -3.28
C GLN B 266 -11.60 11.22 -3.72
N HIS B 267 -11.47 12.26 -2.89
CA HIS B 267 -12.09 13.54 -3.21
C HIS B 267 -11.56 14.07 -4.54
N PHE B 268 -10.25 14.13 -4.72
CA PHE B 268 -9.74 14.71 -5.96
C PHE B 268 -10.10 13.88 -7.18
N ALA B 269 -10.10 12.54 -7.05
CA ALA B 269 -10.50 11.68 -8.16
C ALA B 269 -11.93 11.95 -8.58
N LYS B 270 -12.85 12.04 -7.60
CA LYS B 270 -14.25 12.31 -7.96
C LYS B 270 -14.47 13.76 -8.38
N ALA B 271 -13.70 14.69 -7.83
CA ALA B 271 -13.90 16.09 -8.15
C ALA B 271 -13.51 16.40 -9.60
N ILE B 272 -12.40 15.84 -10.10
CA ILE B 272 -12.08 16.15 -11.50
C ILE B 272 -13.00 15.44 -12.49
N ARG B 273 -13.65 14.34 -12.10
CA ARG B 273 -14.65 13.65 -12.94
C ARG B 273 -15.96 14.34 -12.94
N ASP B 274 -16.03 15.48 -12.33
CA ASP B 274 -17.28 16.18 -12.31
C ASP B 274 -17.14 17.38 -13.25
N GLY B 275 -18.16 18.21 -13.30
CA GLY B 275 -18.33 19.10 -14.42
C GLY B 275 -17.25 20.16 -14.54
N LYS B 276 -17.44 21.00 -15.54
CA LYS B 276 -16.53 22.10 -15.79
C LYS B 276 -16.59 23.08 -14.63
N ALA B 277 -15.48 23.51 -14.23
CA ALA B 277 -15.33 24.40 -13.09
C ALA B 277 -15.22 25.85 -13.56
N PRO B 278 -15.63 26.81 -12.73
CA PRO B 278 -15.46 28.21 -13.08
C PRO B 278 -13.98 28.51 -13.39
N PRO B 279 -13.74 29.42 -14.33
CA PRO B 279 -12.36 29.63 -14.81
C PRO B 279 -11.38 30.01 -13.71
N PRO B 280 -11.74 30.86 -12.75
CA PRO B 280 -10.75 31.15 -11.70
C PRO B 280 -10.39 29.92 -10.90
N PHE B 281 -11.34 28.99 -10.73
CA PHE B 281 -11.13 27.80 -9.91
C PHE B 281 -10.47 26.65 -10.66
N LYS B 282 -10.74 26.54 -11.96
CA LYS B 282 -10.31 25.35 -12.70
C LYS B 282 -8.81 25.10 -12.62
N PRO B 283 -7.94 26.09 -12.84
CA PRO B 283 -6.50 25.81 -12.67
C PRO B 283 -6.15 25.34 -11.28
N ILE B 284 -6.77 25.89 -10.23
CA ILE B 284 -6.49 25.46 -8.87
C ILE B 284 -6.86 23.99 -8.69
N LEU B 285 -8.08 23.64 -9.09
CA LEU B 285 -8.56 22.29 -8.92
C LEU B 285 -7.68 21.30 -9.68
N HIS B 286 -7.35 21.62 -10.92
CA HIS B 286 -6.54 20.69 -11.70
C HIS B 286 -5.11 20.60 -11.18
N ALA B 287 -4.53 21.71 -10.73
CA ALA B 287 -3.18 21.65 -10.18
C ALA B 287 -3.15 20.80 -8.91
N GLU B 288 -4.14 21.00 -8.02
CA GLU B 288 -4.15 20.27 -6.77
C GLU B 288 -4.47 18.79 -6.98
N ALA B 289 -5.39 18.50 -7.91
CA ALA B 289 -5.64 17.10 -8.24
C ALA B 289 -4.38 16.43 -8.78
N TYR B 290 -3.63 17.17 -9.62
CA TYR B 290 -2.38 16.64 -10.15
C TYR B 290 -1.41 16.36 -9.03
N LEU B 291 -1.27 17.31 -8.10
CA LEU B 291 -0.34 17.12 -6.98
C LEU B 291 -0.74 15.94 -6.12
N HIS B 292 -2.02 15.61 -6.11
CA HIS B 292 -2.44 14.57 -5.19
C HIS B 292 -2.53 13.19 -5.83
N LEU B 293 -2.73 13.11 -7.14
CA LEU B 293 -2.95 11.85 -7.83
C LEU B 293 -1.86 11.44 -8.80
N ALA B 294 -1.03 12.36 -9.31
CA ALA B 294 -0.08 12.07 -10.39
C ALA B 294 1.37 12.23 -9.96
N ASN B 295 1.75 13.41 -9.48
CA ASN B 295 3.12 13.67 -9.04
C ASN B 295 3.70 12.67 -8.03
N PRO B 296 2.94 12.24 -7.00
CA PRO B 296 3.47 11.21 -6.10
C PRO B 296 4.00 9.97 -6.81
N TRP B 297 3.31 9.48 -7.85
CA TRP B 297 3.81 8.30 -8.56
C TRP B 297 5.14 8.59 -9.21
N ALA B 298 5.36 9.82 -9.67
CA ALA B 298 6.64 10.15 -10.30
C ALA B 298 7.78 10.00 -9.31
N LEU B 299 7.53 10.14 -8.01
CA LEU B 299 8.67 10.00 -7.06
C LEU B 299 9.27 8.62 -7.03
N PRO B 300 8.59 7.53 -6.61
CA PRO B 300 9.28 6.25 -6.50
C PRO B 300 9.69 5.65 -7.83
N THR B 301 9.06 6.03 -8.94
CA THR B 301 9.52 5.51 -10.23
C THR B 301 10.89 6.05 -10.56
N ALA B 302 11.13 7.32 -10.28
CA ALA B 302 12.48 7.82 -10.43
C ALA B 302 13.43 7.14 -9.45
N ALA B 303 13.01 6.96 -8.19
CA ALA B 303 13.91 6.36 -7.21
C ALA B 303 14.32 4.94 -7.60
N ALA B 304 13.37 4.15 -8.12
CA ALA B 304 13.69 2.78 -8.52
C ALA B 304 14.50 2.77 -9.80
N ALA B 305 14.20 3.67 -10.75
CA ALA B 305 15.05 3.81 -11.92
C ALA B 305 16.48 4.07 -11.51
N LEU B 306 16.71 5.01 -10.60
CA LEU B 306 18.11 5.31 -10.27
C LEU B 306 18.72 4.27 -9.34
N ALA B 307 17.93 3.60 -8.50
CA ALA B 307 18.48 2.53 -7.68
C ALA B 307 18.96 1.38 -8.55
N ALA B 308 18.13 0.96 -9.50
CA ALA B 308 18.57 -0.09 -10.41
C ALA B 308 19.74 0.38 -11.25
N ALA B 309 19.65 1.58 -11.82
CA ALA B 309 20.73 2.09 -12.66
C ALA B 309 22.05 2.17 -11.90
N ALA B 310 22.00 2.65 -10.67
CA ALA B 310 23.20 2.94 -9.90
C ALA B 310 23.77 1.69 -9.23
N ALA B 311 22.98 1.08 -8.34
CA ALA B 311 23.47 0.00 -7.50
C ALA B 311 24.14 -1.09 -8.33
N ALA B 312 23.67 -1.30 -9.55
CA ALA B 312 24.29 -2.26 -10.46
C ALA B 312 24.77 -1.52 -11.71
N GLY B 313 26.06 -1.61 -11.99
CA GLY B 313 26.66 -1.08 -13.23
C GLY B 313 27.10 0.39 -13.06
N SER B 314 26.43 1.30 -13.77
CA SER B 314 26.87 2.68 -13.82
C SER B 314 26.51 3.40 -12.54
N LEU B 315 27.38 4.35 -12.12
CA LEU B 315 27.08 5.05 -10.87
C LEU B 315 27.23 6.57 -10.89
N PRO B 316 26.84 7.31 -11.94
CA PRO B 316 26.53 8.72 -11.68
C PRO B 316 25.21 8.84 -10.95
N ALA B 317 24.30 7.90 -11.21
CA ALA B 317 23.04 7.85 -10.50
C ALA B 317 23.24 7.55 -9.02
N ALA B 318 24.31 6.82 -8.68
CA ALA B 318 24.58 6.55 -7.27
C ALA B 318 25.08 7.79 -6.55
N ALA B 319 25.88 8.61 -7.23
CA ALA B 319 26.23 9.91 -6.68
C ALA B 319 24.98 10.75 -6.51
N LEU B 320 24.03 10.67 -7.46
CA LEU B 320 22.80 11.47 -7.32
C LEU B 320 21.92 10.95 -6.20
N LEU B 321 21.86 9.64 -5.98
CA LEU B 321 21.02 9.16 -4.89
C LEU B 321 21.69 9.38 -3.54
N ALA B 322 23.03 9.35 -3.48
CA ALA B 322 23.70 9.77 -2.27
C ALA B 322 23.37 11.22 -1.97
N THR B 323 23.33 12.05 -3.02
CA THR B 323 22.86 13.42 -2.83
C THR B 323 21.40 13.44 -2.36
N GLY B 324 20.58 12.51 -2.86
CA GLY B 324 19.19 12.46 -2.45
C GLY B 324 19.05 12.15 -0.97
N ALA B 325 19.83 11.17 -0.49
CA ALA B 325 19.79 10.84 0.93
C ALA B 325 20.37 11.97 1.78
N ALA B 326 21.53 12.51 1.37
CA ALA B 326 22.15 13.59 2.12
C ALA B 326 21.24 14.80 2.27
N LEU B 327 20.44 15.10 1.25
CA LEU B 327 19.46 16.17 1.40
C LEU B 327 18.15 15.65 1.98
N ALA B 328 18.03 14.33 2.13
CA ALA B 328 16.82 13.71 2.65
C ALA B 328 16.53 13.99 4.13
N LEU B 329 17.53 14.32 4.95
CA LEU B 329 17.28 14.77 6.32
C LEU B 329 17.48 16.29 6.47
N TYR B 330 17.15 17.05 5.43
CA TYR B 330 16.66 18.41 5.63
C TYR B 330 15.14 18.27 5.81
N LYS B 331 14.62 18.85 6.89
CA LYS B 331 13.38 18.25 7.37
C LYS B 331 12.10 18.62 6.61
N PRO B 332 11.97 19.82 6.02
CA PRO B 332 10.81 20.02 5.15
C PRO B 332 10.84 19.09 3.97
N TYR B 333 12.04 18.76 3.48
CA TYR B 333 12.17 17.74 2.46
C TYR B 333 11.66 16.38 2.93
N ARG B 334 12.01 15.96 4.16
CA ARG B 334 11.49 14.69 4.68
C ARG B 334 9.97 14.71 4.66
N THR B 335 9.39 15.76 5.23
CA THR B 335 7.93 15.84 5.28
C THR B 335 7.34 15.74 3.89
N TRP B 336 7.98 16.37 2.90
CA TRP B 336 7.51 16.24 1.52
C TRP B 336 7.56 14.78 1.04
N THR B 337 8.73 14.14 1.19
CA THR B 337 8.91 12.71 0.83
C THR B 337 7.87 11.82 1.50
N THR B 338 7.59 12.07 2.78
CA THR B 338 6.66 11.27 3.54
C THR B 338 5.21 11.52 3.14
N MET B 339 4.89 12.76 2.76
CA MET B 339 3.57 13.02 2.23
C MET B 339 3.38 12.28 0.90
N GLN B 340 4.44 12.23 0.09
CA GLN B 340 4.33 11.46 -1.15
C GLN B 340 4.07 9.99 -0.86
N ALA B 341 4.79 9.44 0.11
CA ALA B 341 4.59 8.05 0.50
C ALA B 341 3.17 7.82 0.96
N TYR B 342 2.64 8.75 1.77
CA TYR B 342 1.26 8.67 2.22
C TYR B 342 0.28 8.66 1.05
N LEU B 343 0.54 9.49 0.04
CA LEU B 343 -0.37 9.59 -1.09
C LEU B 343 -0.40 8.30 -1.89
N ILE B 344 0.77 7.70 -2.10
CA ILE B 344 0.80 6.43 -2.83
C ILE B 344 0.16 5.32 -2.00
N ALA B 345 0.49 5.26 -0.71
CA ALA B 345 -0.13 4.27 0.13
C ALA B 345 -1.65 4.40 0.07
N ALA B 346 -2.15 5.65 0.05
CA ALA B 346 -3.57 5.92 -0.02
C ALA B 346 -4.18 5.46 -1.34
N ALA B 347 -3.50 5.78 -2.45
CA ALA B 347 -3.99 5.37 -3.76
C ALA B 347 -4.16 3.87 -3.83
N VAL B 348 -3.15 3.12 -3.36
CA VAL B 348 -3.25 1.67 -3.48
C VAL B 348 -4.23 1.11 -2.45
N LYS B 349 -4.26 1.64 -1.24
CA LYS B 349 -5.28 1.17 -0.30
C LYS B 349 -6.68 1.43 -0.86
N ASN B 350 -6.87 2.55 -1.60
CA ASN B 350 -8.17 2.80 -2.23
C ASN B 350 -8.52 1.71 -3.23
N LEU B 351 -7.54 1.32 -4.07
CA LEU B 351 -7.76 0.20 -5.00
C LEU B 351 -8.03 -1.13 -4.35
N TRP B 352 -7.34 -1.44 -3.29
CA TRP B 352 -7.53 -2.76 -2.74
C TRP B 352 -8.62 -2.72 -1.70
N ASP B 353 -9.18 -1.53 -1.47
CA ASP B 353 -10.47 -1.43 -0.78
C ASP B 353 -11.59 -1.77 -1.74
N LYS B 354 -11.45 -1.36 -3.01
CA LYS B 354 -12.37 -1.87 -4.01
C LYS B 354 -12.27 -3.40 -4.14
N GLU B 355 -11.12 -3.98 -3.81
CA GLU B 355 -10.95 -5.43 -3.67
C GLU B 355 -11.43 -6.23 -4.87
PB GDP C . 1.31 -19.69 1.97
O1B GDP C . 1.11 -20.95 1.16
O2B GDP C . 2.38 -18.87 1.26
O3B GDP C . 0.03 -18.91 2.09
O3A GDP C . 1.85 -20.02 3.45
PA GDP C . 1.09 -21.13 4.32
O1A GDP C . 0.24 -22.04 3.46
O2A GDP C . 0.25 -20.45 5.36
O5' GDP C . 2.28 -21.93 5.06
C5' GDP C . 3.06 -22.89 4.32
C4' GDP C . 3.53 -24.00 5.25
O4' GDP C . 4.26 -23.38 6.32
C3' GDP C . 2.33 -24.70 5.83
O3' GDP C . 2.55 -26.12 5.83
C2' GDP C . 2.28 -24.24 7.28
O2' GDP C . 1.87 -25.29 8.15
C1' GDP C . 3.72 -23.87 7.56
N9 GDP C . 3.81 -22.79 8.58
C8 GDP C . 3.44 -21.49 8.41
N7 GDP C . 3.70 -20.78 9.53
C5 GDP C . 4.25 -21.61 10.43
C6 GDP C . 4.76 -21.50 11.81
O6 GDP C . 4.72 -20.40 12.40
N1 GDP C . 5.25 -22.60 12.41
C2 GDP C . 5.28 -23.80 11.79
N2 GDP C . 5.78 -24.87 12.45
N3 GDP C . 4.83 -23.96 10.52
C4 GDP C . 4.32 -22.94 9.80
MN MN D . -0.29 -22.44 1.39
PB GDP E . -9.96 11.70 11.97
O1B GDP E . -9.00 10.55 12.19
O2B GDP E . -9.50 12.98 12.65
O3B GDP E . -10.12 12.00 10.50
O3A GDP E . -11.41 11.26 12.50
PA GDP E . -11.87 11.13 14.02
O1A GDP E . -11.83 9.69 14.47
O2A GDP E . -11.06 12.03 14.91
O5' GDP E . -13.39 11.64 13.89
C5' GDP E . -13.67 13.04 13.81
C4' GDP E . -15.03 13.35 14.43
O4' GDP E . -16.07 12.67 13.76
C3' GDP E . -15.03 12.85 15.87
O3' GDP E . -15.48 13.91 16.72
C2' GDP E . -16.02 11.69 15.88
O2' GDP E . -16.75 11.58 17.11
C1' GDP E . -16.92 12.01 14.70
N9 GDP E . -17.43 10.78 14.05
C8 GDP E . -16.68 9.90 13.37
N7 GDP E . -17.47 8.90 12.87
C5 GDP E . -18.74 9.16 13.22
C6 GDP E . -20.04 8.52 13.00
O6 GDP E . -20.16 7.47 12.34
N1 GDP E . -21.12 9.11 13.52
C2 GDP E . -21.03 10.28 14.22
N2 GDP E . -22.16 10.82 14.71
N3 GDP E . -19.87 10.94 14.46
C4 GDP E . -18.71 10.42 13.98
MN MN F . -9.64 13.38 14.78
#